data_2E5M
#
_entry.id   2E5M
#
_cell.length_a   74.780
_cell.length_b   88.110
_cell.length_c   75.670
_cell.angle_alpha   90.00
_cell.angle_beta   91.36
_cell.angle_gamma   90.00
#
_symmetry.space_group_name_H-M   'P 1 21 1'
#
loop_
_entity.id
_entity.type
_entity.pdbx_description
1 polymer '409aa long hypothetical NADP-dependent isocitrate dehydrogenase'
2 non-polymer 'NADP NICOTINAMIDE-ADENINE-DINUCLEOTIDE PHOSPHATE'
3 water water
#
_entity_poly.entity_id   1
_entity_poly.type   'polypeptide(L)'
_entity_poly.pdbx_seq_one_letter_code
;MLYKEPEDGEKIKFDKGKWIVPNKPVILYIEGDGIGPEITNAAIKVINKAVERAYGSSREIKWLEVYAGEKAEKLVNDRF
PKETQEMLLKYRVVLKGPLETPIGKGWKSVNVAIRLMLDLYANIRPVKYIEGLESPLKHPEKVDMIIFRENTDDLYRGIE
YPFNSEEAKKIRDFLRKELKVEIEDDTGIGIKVMSKYKTQRITRLAIQYAIEHKRKKVTIMHKGNVMKYTEGAFREWAYE
VALKEYRDFIVTEEEINQGKPDQGKIILNDRIADNMFQQIIIRPEEYDIILAPNVNGDYISDAAGALIGNIGMLGGANIG
DEGGMFEAIHGTAPKYAGKNVANPTGIIKAGELMLRWMGWNEAADLIEKAINMAIRDKKVTQDIARFMGVKALGTKEYAD
ELIKIMDTI
;
_entity_poly.pdbx_strand_id   A,B
#
loop_
_chem_comp.id
_chem_comp.type
_chem_comp.name
_chem_comp.formula
NAP non-polymer 'NADP NICOTINAMIDE-ADENINE-DINUCLEOTIDE PHOSPHATE' 'C21 H28 N7 O17 P3'
#
# COMPACT_ATOMS: atom_id res chain seq x y z
N MET A 1 -11.50 20.59 43.22
CA MET A 1 -10.76 19.85 42.17
C MET A 1 -10.52 20.70 40.94
N LEU A 2 -9.41 20.43 40.25
CA LEU A 2 -9.05 21.18 39.05
C LEU A 2 -10.21 21.20 38.05
N TYR A 3 -10.97 20.13 38.00
CA TYR A 3 -12.07 20.06 37.06
C TYR A 3 -13.44 20.12 37.74
N LYS A 4 -14.32 20.95 37.17
CA LYS A 4 -15.68 21.11 37.67
C LYS A 4 -16.59 20.24 36.84
N GLU A 5 -16.74 18.99 37.26
CA GLU A 5 -17.59 18.04 36.55
C GLU A 5 -19.02 18.52 36.48
N PRO A 6 -19.62 18.51 35.29
CA PRO A 6 -21.01 18.96 35.18
C PRO A 6 -21.92 18.04 36.00
N GLU A 7 -22.61 18.62 36.99
CA GLU A 7 -23.49 17.84 37.85
C GLU A 7 -24.79 17.47 37.15
N ASP A 8 -24.96 17.93 35.92
CA ASP A 8 -26.17 17.68 35.14
C ASP A 8 -26.02 16.48 34.20
N GLY A 9 -24.79 15.98 34.04
CA GLY A 9 -24.55 14.86 33.13
C GLY A 9 -24.23 13.51 33.75
N GLU A 10 -24.20 12.50 32.88
CA GLU A 10 -23.91 11.13 33.29
C GLU A 10 -22.87 10.49 32.37
N LYS A 11 -22.10 9.57 32.95
CA LYS A 11 -21.06 8.89 32.21
C LYS A 11 -21.66 7.87 31.25
N ILE A 12 -20.93 7.57 30.19
CA ILE A 12 -21.39 6.60 29.22
C ILE A 12 -20.99 5.21 29.75
N LYS A 13 -21.91 4.27 29.72
CA LYS A 13 -21.64 2.91 30.21
C LYS A 13 -21.32 1.97 29.06
N PHE A 14 -20.82 0.79 29.38
CA PHE A 14 -20.45 -0.17 28.36
C PHE A 14 -20.94 -1.58 28.66
N ASP A 15 -21.54 -2.21 27.66
CA ASP A 15 -22.05 -3.57 27.82
C ASP A 15 -21.56 -4.42 26.65
N LYS A 16 -20.66 -5.35 26.95
CA LYS A 16 -20.13 -6.25 25.93
C LYS A 16 -19.66 -5.47 24.69
N GLY A 17 -19.24 -4.24 24.91
CA GLY A 17 -18.76 -3.41 23.81
C GLY A 17 -19.78 -2.40 23.33
N LYS A 18 -21.04 -2.64 23.65
CA LYS A 18 -22.13 -1.73 23.26
C LYS A 18 -22.14 -0.47 24.12
N TRP A 19 -22.13 0.68 23.47
CA TRP A 19 -22.16 1.94 24.21
C TRP A 19 -23.55 2.21 24.72
N ILE A 20 -23.67 2.40 26.03
CA ILE A 20 -24.95 2.69 26.64
C ILE A 20 -24.85 4.17 27.02
N VAL A 21 -25.51 5.00 26.21
CA VAL A 21 -25.48 6.46 26.38
C VAL A 21 -26.72 7.12 26.97
N PRO A 22 -26.55 7.88 28.05
CA PRO A 22 -27.63 8.61 28.73
C PRO A 22 -28.04 9.75 27.81
N ASN A 23 -29.02 10.55 28.22
CA ASN A 23 -29.46 11.67 27.39
C ASN A 23 -28.59 12.89 27.65
N LYS A 24 -27.92 12.89 28.79
CA LYS A 24 -27.03 13.98 29.19
C LYS A 24 -25.67 13.36 29.46
N PRO A 25 -25.03 12.80 28.42
CA PRO A 25 -23.72 12.18 28.62
C PRO A 25 -22.60 13.20 28.80
N VAL A 26 -21.64 12.85 29.64
CA VAL A 26 -20.50 13.71 29.85
C VAL A 26 -19.44 13.28 28.83
N ILE A 27 -18.87 14.23 28.12
CA ILE A 27 -17.84 13.91 27.14
C ILE A 27 -16.68 14.87 27.29
N LEU A 28 -15.50 14.29 27.50
CA LEU A 28 -14.28 15.03 27.66
C LEU A 28 -13.83 15.58 26.32
N TYR A 29 -13.12 16.70 26.33
CA TYR A 29 -12.59 17.25 25.09
C TYR A 29 -11.27 17.98 25.37
N ILE A 30 -10.33 17.83 24.43
CA ILE A 30 -9.02 18.46 24.53
C ILE A 30 -8.85 19.37 23.32
N GLU A 31 -8.68 20.65 23.58
CA GLU A 31 -8.51 21.65 22.54
C GLU A 31 -7.31 21.32 21.66
N GLY A 32 -6.20 20.96 22.29
CA GLY A 32 -5.01 20.64 21.54
C GLY A 32 -4.17 21.86 21.23
N ASP A 33 -3.09 21.63 20.49
CA ASP A 33 -2.17 22.72 20.15
C ASP A 33 -2.50 23.38 18.81
N GLY A 34 -1.84 24.50 18.55
CA GLY A 34 -2.04 25.23 17.32
C GLY A 34 -3.47 25.63 17.03
N ILE A 35 -4.01 25.13 15.92
CA ILE A 35 -5.37 25.45 15.52
C ILE A 35 -6.38 24.67 16.36
N GLY A 36 -5.86 23.80 17.23
CA GLY A 36 -6.72 23.00 18.08
C GLY A 36 -7.88 23.75 18.70
N PRO A 37 -7.63 24.80 19.49
CA PRO A 37 -8.68 25.60 20.13
C PRO A 37 -9.77 26.06 19.15
N GLU A 38 -9.32 26.70 18.08
CA GLU A 38 -10.23 27.20 17.06
C GLU A 38 -11.09 26.13 16.42
N ILE A 39 -10.46 25.07 15.95
CA ILE A 39 -11.24 24.03 15.30
C ILE A 39 -12.08 23.19 16.27
N THR A 40 -11.53 22.91 17.44
CA THR A 40 -12.23 22.10 18.42
C THR A 40 -13.47 22.79 18.97
N ASN A 41 -13.40 24.09 19.23
CA ASN A 41 -14.56 24.82 19.75
C ASN A 41 -15.65 24.88 18.68
N ALA A 42 -15.24 25.03 17.42
CA ALA A 42 -16.17 25.09 16.31
C ALA A 42 -16.86 23.74 16.16
N ALA A 43 -16.12 22.65 16.38
CA ALA A 43 -16.69 21.30 16.27
C ALA A 43 -17.77 21.13 17.34
N ILE A 44 -17.45 21.55 18.55
CA ILE A 44 -18.37 21.46 19.67
C ILE A 44 -19.65 22.25 19.35
N LYS A 45 -19.47 23.43 18.77
CA LYS A 45 -20.60 24.29 18.40
C LYS A 45 -21.50 23.64 17.35
N VAL A 46 -20.92 22.98 16.35
CA VAL A 46 -21.71 22.32 15.31
C VAL A 46 -22.32 21.02 15.83
N ILE A 47 -21.59 20.31 16.69
CA ILE A 47 -22.11 19.06 17.25
C ILE A 47 -23.34 19.32 18.12
N ASN A 48 -23.31 20.41 18.89
CA ASN A 48 -24.43 20.78 19.74
C ASN A 48 -25.65 21.20 18.92
N LYS A 49 -25.43 21.81 17.75
CA LYS A 49 -26.54 22.23 16.90
C LYS A 49 -27.16 21.00 16.25
N ALA A 50 -26.33 20.02 15.95
CA ALA A 50 -26.82 18.79 15.33
C ALA A 50 -27.68 18.01 16.32
N VAL A 51 -27.17 17.85 17.54
CA VAL A 51 -27.87 17.13 18.60
C VAL A 51 -29.20 17.79 18.92
N GLU A 52 -29.17 19.10 19.06
CA GLU A 52 -30.36 19.87 19.36
C GLU A 52 -31.40 19.75 18.26
N ARG A 53 -30.96 19.99 17.03
CA ARG A 53 -31.84 19.94 15.87
C ARG A 53 -32.46 18.56 15.70
N ALA A 54 -31.69 17.53 16.03
CA ALA A 54 -32.16 16.16 15.88
C ALA A 54 -33.04 15.66 17.03
N TYR A 55 -32.77 16.14 18.24
CA TYR A 55 -33.50 15.68 19.41
C TYR A 55 -34.01 16.82 20.27
N GLY A 56 -34.17 18.00 19.68
CA GLY A 56 -34.64 19.12 20.47
C GLY A 56 -33.80 19.28 21.72
N SER A 57 -34.43 19.20 22.88
CA SER A 57 -33.72 19.34 24.15
C SER A 57 -33.68 18.04 24.93
N SER A 58 -34.26 16.97 24.37
CA SER A 58 -34.29 15.69 25.04
C SER A 58 -32.94 15.02 25.24
N ARG A 59 -31.90 15.60 24.63
CA ARG A 59 -30.56 15.07 24.78
C ARG A 59 -29.62 16.25 24.71
N GLU A 60 -28.46 16.11 25.31
CA GLU A 60 -27.46 17.16 25.32
C GLU A 60 -26.15 16.59 25.82
N ILE A 61 -25.07 17.01 25.17
CA ILE A 61 -23.76 16.56 25.56
C ILE A 61 -23.24 17.49 26.65
N LYS A 62 -22.86 16.92 27.79
CA LYS A 62 -22.34 17.73 28.86
C LYS A 62 -20.83 17.72 28.71
N TRP A 63 -20.31 18.70 27.97
CA TRP A 63 -18.88 18.85 27.69
C TRP A 63 -18.04 19.17 28.90
N LEU A 64 -16.92 18.47 29.02
CA LEU A 64 -16.01 18.70 30.14
C LEU A 64 -14.61 18.87 29.53
N GLU A 65 -14.04 20.07 29.62
CA GLU A 65 -12.71 20.27 29.09
C GLU A 65 -11.67 19.75 30.06
N VAL A 66 -10.67 19.03 29.56
CA VAL A 66 -9.57 18.55 30.37
C VAL A 66 -8.29 19.06 29.71
N TYR A 67 -7.21 19.18 30.46
CA TYR A 67 -5.97 19.72 29.90
C TYR A 67 -4.94 18.67 29.49
N ALA A 68 -4.38 18.88 28.31
CA ALA A 68 -3.35 17.99 27.78
C ALA A 68 -2.52 18.82 26.83
N GLY A 69 -1.26 18.48 26.68
CA GLY A 69 -0.41 19.21 25.75
C GLY A 69 0.23 20.43 26.37
N GLU A 70 0.49 21.43 25.54
CA GLU A 70 1.16 22.64 26.01
C GLU A 70 0.29 23.51 26.89
N LYS A 71 -1.02 23.40 26.74
CA LYS A 71 -1.91 24.19 27.57
C LYS A 71 -1.78 23.61 28.97
N ALA A 72 -1.62 22.30 29.05
CA ALA A 72 -1.45 21.62 30.33
C ALA A 72 -0.11 22.00 30.96
N GLU A 73 0.93 22.06 30.15
CA GLU A 73 2.26 22.44 30.62
C GLU A 73 2.21 23.86 31.19
N LYS A 74 1.41 24.71 30.57
CA LYS A 74 1.28 26.10 31.00
C LYS A 74 0.45 26.30 32.25
N LEU A 75 -0.68 25.62 32.35
CA LEU A 75 -1.52 25.78 33.53
C LEU A 75 -1.15 24.95 34.77
N VAL A 76 -0.64 23.73 34.59
CA VAL A 76 -0.29 22.94 35.75
C VAL A 76 1.08 22.27 35.64
N ASN A 77 1.93 22.82 34.79
CA ASN A 77 3.29 22.31 34.60
C ASN A 77 3.39 20.84 34.25
N ASP A 78 2.35 20.28 33.64
CA ASP A 78 2.38 18.87 33.25
C ASP A 78 1.67 18.65 31.91
N ARG A 79 2.40 18.07 30.97
CA ARG A 79 1.91 17.79 29.62
C ARG A 79 0.66 16.89 29.64
N PHE A 80 0.63 15.96 30.60
CA PHE A 80 -0.48 15.02 30.73
C PHE A 80 -0.81 14.88 32.21
N PRO A 81 -1.27 15.97 32.84
CA PRO A 81 -1.61 16.03 34.26
C PRO A 81 -2.35 14.83 34.83
N LYS A 82 -2.20 14.66 36.14
CA LYS A 82 -2.82 13.59 36.90
C LYS A 82 -4.35 13.75 36.90
N GLU A 83 -4.82 14.97 37.08
CA GLU A 83 -6.26 15.24 37.09
C GLU A 83 -6.93 14.85 35.78
N THR A 84 -6.20 15.00 34.68
CA THR A 84 -6.72 14.66 33.36
C THR A 84 -6.82 13.16 33.16
N GLN A 85 -5.84 12.43 33.68
CA GLN A 85 -5.82 10.98 33.56
C GLN A 85 -7.02 10.42 34.33
N GLU A 86 -7.32 11.05 35.46
CA GLU A 86 -8.42 10.62 36.30
C GLU A 86 -9.78 10.89 35.64
N MET A 87 -9.88 11.98 34.90
CA MET A 87 -11.13 12.28 34.20
C MET A 87 -11.28 11.31 33.02
N LEU A 88 -10.16 10.95 32.40
CA LEU A 88 -10.18 10.01 31.28
C LEU A 88 -10.58 8.62 31.76
N LEU A 89 -10.01 8.18 32.87
CA LEU A 89 -10.34 6.86 33.39
C LEU A 89 -11.78 6.80 33.87
N LYS A 90 -12.36 7.95 34.17
CA LYS A 90 -13.74 8.00 34.65
C LYS A 90 -14.80 8.16 33.56
N TYR A 91 -14.60 9.11 32.64
CA TYR A 91 -15.57 9.34 31.58
C TYR A 91 -15.31 8.52 30.31
N ARG A 92 -14.05 8.20 30.05
CA ARG A 92 -13.65 7.33 28.94
C ARG A 92 -13.97 7.70 27.48
N VAL A 93 -14.56 8.86 27.25
CA VAL A 93 -14.86 9.30 25.88
C VAL A 93 -14.35 10.73 25.70
N VAL A 94 -13.50 10.95 24.71
CA VAL A 94 -12.96 12.27 24.50
C VAL A 94 -12.79 12.68 23.06
N LEU A 95 -13.02 13.96 22.79
CA LEU A 95 -12.85 14.54 21.47
C LEU A 95 -11.56 15.34 21.60
N LYS A 96 -10.48 14.92 20.94
CA LYS A 96 -9.22 15.65 21.09
C LYS A 96 -8.58 16.28 19.86
N GLY A 97 -8.30 17.56 19.97
CA GLY A 97 -7.64 18.27 18.89
C GLY A 97 -6.23 17.74 18.65
N PRO A 98 -5.54 18.28 17.64
CA PRO A 98 -4.17 17.86 17.31
C PRO A 98 -3.19 18.23 18.43
N LEU A 99 -2.26 17.32 18.73
CA LEU A 99 -1.26 17.58 19.75
C LEU A 99 0.14 17.43 19.19
N GLU A 100 0.99 18.42 19.44
CA GLU A 100 2.35 18.38 18.95
C GLU A 100 3.19 17.40 19.76
N THR A 101 3.89 16.52 19.05
CA THR A 101 4.75 15.51 19.69
C THR A 101 6.17 16.04 19.83
N PRO A 102 6.64 16.22 21.08
CA PRO A 102 8.00 16.72 21.33
C PRO A 102 8.95 15.62 21.81
N SER A 109 2.89 10.99 21.97
CA SER A 109 3.15 10.81 23.39
C SER A 109 1.83 10.84 24.15
N VAL A 110 1.08 11.93 24.03
CA VAL A 110 -0.20 12.02 24.73
C VAL A 110 -1.21 11.11 24.06
N ASN A 111 -1.18 11.07 22.73
CA ASN A 111 -2.09 10.21 22.00
C ASN A 111 -1.84 8.77 22.40
N VAL A 112 -0.58 8.33 22.33
CA VAL A 112 -0.27 6.96 22.70
C VAL A 112 -0.64 6.67 24.14
N ALA A 113 -0.34 7.60 25.04
CA ALA A 113 -0.66 7.43 26.46
C ALA A 113 -2.18 7.27 26.70
N ILE A 114 -3.00 8.01 25.96
CA ILE A 114 -4.45 7.90 26.15
C ILE A 114 -4.93 6.54 25.63
N ARG A 115 -4.40 6.14 24.48
CA ARG A 115 -4.71 4.86 23.84
C ARG A 115 -4.43 3.70 24.80
N LEU A 116 -3.21 3.66 25.32
CA LEU A 116 -2.80 2.61 26.23
C LEU A 116 -3.63 2.59 27.52
N MET A 117 -3.82 3.76 28.15
CA MET A 117 -4.56 3.80 29.40
C MET A 117 -6.05 3.45 29.29
N LEU A 118 -6.59 3.49 28.07
CA LEU A 118 -7.99 3.17 27.87
C LEU A 118 -8.11 1.89 27.03
N ASP A 119 -6.97 1.33 26.66
CA ASP A 119 -6.90 0.13 25.82
C ASP A 119 -7.77 0.26 24.59
N LEU A 120 -7.63 1.40 23.93
CA LEU A 120 -8.34 1.70 22.70
C LEU A 120 -7.49 1.00 21.65
N TYR A 121 -7.83 -0.25 21.35
CA TYR A 121 -7.07 -1.07 20.41
C TYR A 121 -7.48 -0.95 18.96
N ALA A 122 -8.63 -0.35 18.70
CA ALA A 122 -9.08 -0.24 17.32
C ALA A 122 -8.91 1.13 16.67
N ASN A 123 -8.12 1.19 15.61
CA ASN A 123 -7.96 2.44 14.86
C ASN A 123 -9.04 2.42 13.78
N ILE A 124 -9.95 3.37 13.83
CA ILE A 124 -11.06 3.45 12.88
C ILE A 124 -10.88 4.62 11.93
N ARG A 125 -11.02 4.36 10.63
CA ARG A 125 -10.84 5.44 9.66
C ARG A 125 -11.90 5.48 8.58
N PRO A 126 -12.94 6.28 8.78
CA PRO A 126 -13.95 6.33 7.71
C PRO A 126 -13.51 7.31 6.65
N VAL A 127 -13.72 6.95 5.39
CA VAL A 127 -13.32 7.84 4.33
C VAL A 127 -14.30 7.74 3.19
N LYS A 128 -15.07 8.82 2.99
CA LYS A 128 -16.03 8.80 1.91
C LYS A 128 -16.06 10.10 1.15
N TYR A 129 -16.34 9.98 -0.13
CA TYR A 129 -16.41 11.11 -1.05
C TYR A 129 -17.40 12.19 -0.64
N ILE A 130 -17.04 13.42 -0.96
CA ILE A 130 -17.87 14.57 -0.70
C ILE A 130 -18.04 15.32 -2.01
N GLU A 131 -19.28 15.44 -2.48
CA GLU A 131 -19.59 16.13 -3.72
C GLU A 131 -19.00 17.53 -3.73
N GLY A 132 -18.19 17.82 -4.75
CA GLY A 132 -17.58 19.14 -4.86
C GLY A 132 -16.09 19.21 -4.58
N LEU A 133 -15.58 18.28 -3.78
CA LEU A 133 -14.15 18.28 -3.47
C LEU A 133 -13.30 17.72 -4.60
N GLU A 134 -12.11 18.30 -4.77
CA GLU A 134 -11.18 17.85 -5.78
C GLU A 134 -10.81 16.42 -5.39
N SER A 135 -10.26 15.68 -6.34
CA SER A 135 -9.85 14.30 -6.10
C SER A 135 -8.86 13.85 -7.15
N PRO A 136 -7.96 12.93 -6.78
CA PRO A 136 -6.96 12.42 -7.72
C PRO A 136 -7.57 11.42 -8.70
N LEU A 137 -8.73 10.89 -8.29
CA LEU A 137 -9.47 9.93 -9.09
C LEU A 137 -10.44 10.65 -10.02
N LYS A 138 -10.76 10.01 -11.14
CA LYS A 138 -11.68 10.58 -12.11
C LYS A 138 -13.11 10.23 -11.64
N HIS A 139 -13.25 9.15 -10.89
CA HIS A 139 -14.57 8.73 -10.41
C HIS A 139 -14.59 8.31 -8.94
N PRO A 140 -14.54 9.27 -8.01
CA PRO A 140 -14.57 8.95 -6.58
C PRO A 140 -15.98 8.87 -6.00
N GLU A 141 -16.98 9.13 -6.82
CA GLU A 141 -18.37 9.14 -6.38
C GLU A 141 -18.84 8.07 -5.39
N LYS A 142 -18.56 6.81 -5.66
CA LYS A 142 -19.03 5.75 -4.77
C LYS A 142 -18.08 5.31 -3.66
N VAL A 143 -17.06 6.12 -3.39
CA VAL A 143 -16.08 5.83 -2.34
C VAL A 143 -16.75 6.04 -0.99
N ASP A 144 -17.03 4.93 -0.30
CA ASP A 144 -17.68 5.00 1.01
C ASP A 144 -17.24 3.80 1.85
N MET A 145 -16.11 3.91 2.54
CA MET A 145 -15.60 2.80 3.33
C MET A 145 -15.14 3.21 4.73
N ILE A 146 -14.89 2.21 5.56
CA ILE A 146 -14.41 2.40 6.93
C ILE A 146 -13.34 1.36 7.25
N ILE A 147 -12.13 1.82 7.53
CA ILE A 147 -11.07 0.88 7.85
C ILE A 147 -11.04 0.58 9.34
N PHE A 148 -11.13 -0.70 9.69
CA PHE A 148 -11.09 -1.13 11.09
C PHE A 148 -9.73 -1.78 11.30
N ARG A 149 -8.77 -0.99 11.76
CA ARG A 149 -7.40 -1.45 11.97
C ARG A 149 -7.06 -1.91 13.39
N GLU A 150 -6.65 -3.18 13.55
CA GLU A 150 -6.21 -3.67 14.87
C GLU A 150 -4.95 -2.83 15.07
N ASN A 151 -4.89 -2.10 16.18
CA ASN A 151 -3.77 -1.20 16.40
C ASN A 151 -2.88 -1.47 17.61
N THR A 152 -2.70 -2.73 17.99
CA THR A 152 -1.84 -3.05 19.15
C THR A 152 -1.00 -4.30 18.93
N ASP A 153 -1.16 -4.95 17.78
CA ASP A 153 -0.46 -6.19 17.45
C ASP A 153 0.52 -5.96 16.29
N ASP A 154 0.96 -7.05 15.67
CA ASP A 154 1.86 -6.99 14.52
C ASP A 154 3.24 -6.48 14.89
N LEU A 155 4.02 -6.10 13.89
CA LEU A 155 5.37 -5.60 14.12
C LEU A 155 5.43 -4.32 14.97
N TYR A 156 4.29 -3.69 15.20
CA TYR A 156 4.26 -2.47 16.02
C TYR A 156 4.58 -2.77 17.49
N ARG A 157 4.63 -4.05 17.86
CA ARG A 157 4.92 -4.41 19.23
C ARG A 157 6.34 -4.01 19.62
N GLY A 158 7.19 -3.80 18.61
CA GLY A 158 8.56 -3.37 18.84
C GLY A 158 9.60 -4.43 19.17
N ILE A 159 9.29 -5.69 18.90
CA ILE A 159 10.23 -6.77 19.17
C ILE A 159 11.20 -6.90 17.99
N GLU A 160 12.29 -6.15 18.05
CA GLU A 160 13.29 -6.18 16.98
C GLU A 160 14.63 -5.81 17.58
N TYR A 161 15.71 -6.14 16.88
CA TYR A 161 17.05 -5.86 17.39
C TYR A 161 18.05 -5.55 16.28
N PRO A 162 18.97 -4.61 16.54
CA PRO A 162 19.98 -4.24 15.54
C PRO A 162 20.84 -5.44 15.16
N PHE A 163 21.27 -5.45 13.90
CA PHE A 163 22.07 -6.53 13.34
C PHE A 163 23.35 -6.87 14.11
N ASN A 164 23.81 -5.96 14.97
CA ASN A 164 25.02 -6.19 15.73
C ASN A 164 24.83 -6.11 17.24
N SER A 165 23.62 -6.41 17.69
CA SER A 165 23.32 -6.41 19.12
C SER A 165 23.58 -7.82 19.61
N GLU A 166 23.79 -7.98 20.90
CA GLU A 166 24.03 -9.31 21.45
C GLU A 166 22.74 -10.13 21.35
N GLU A 167 21.61 -9.43 21.40
CA GLU A 167 20.30 -10.06 21.32
C GLU A 167 20.11 -10.74 19.95
N ALA A 168 20.55 -10.05 18.91
CA ALA A 168 20.44 -10.56 17.56
C ALA A 168 21.21 -11.86 17.40
N LYS A 169 22.42 -11.92 17.95
CA LYS A 169 23.22 -13.13 17.84
C LYS A 169 22.60 -14.28 18.62
N LYS A 170 21.88 -13.96 19.70
CA LYS A 170 21.23 -15.01 20.47
C LYS A 170 20.10 -15.60 19.63
N ILE A 171 19.38 -14.73 18.93
CA ILE A 171 18.28 -15.13 18.07
C ILE A 171 18.78 -16.00 16.93
N ARG A 172 19.86 -15.58 16.29
CA ARG A 172 20.44 -16.33 15.19
C ARG A 172 20.94 -17.70 15.65
N ASP A 173 21.55 -17.76 16.83
CA ASP A 173 22.06 -19.02 17.38
C ASP A 173 20.89 -19.94 17.73
N PHE A 174 19.89 -19.39 18.43
CA PHE A 174 18.72 -20.15 18.79
C PHE A 174 18.04 -20.78 17.58
N LEU A 175 17.67 -19.96 16.60
CA LEU A 175 17.02 -20.45 15.39
C LEU A 175 17.88 -21.50 14.68
N ARG A 176 19.20 -21.37 14.81
CA ARG A 176 20.12 -22.30 14.17
C ARG A 176 20.17 -23.66 14.87
N LYS A 177 20.27 -23.65 16.20
CA LYS A 177 20.37 -24.90 16.94
C LYS A 177 19.03 -25.57 17.27
N GLU A 178 18.05 -24.77 17.72
CA GLU A 178 16.76 -25.34 18.09
C GLU A 178 15.76 -25.56 16.96
N LEU A 179 15.81 -24.73 15.92
CA LEU A 179 14.86 -24.86 14.81
C LEU A 179 15.50 -25.15 13.46
N LYS A 180 16.83 -25.11 13.41
CA LYS A 180 17.55 -25.39 12.17
C LYS A 180 17.18 -24.44 11.04
N VAL A 181 17.35 -23.15 11.28
CA VAL A 181 17.07 -22.14 10.25
C VAL A 181 18.38 -21.45 9.91
N GLU A 182 18.69 -21.34 8.63
CA GLU A 182 19.92 -20.69 8.21
C GLU A 182 19.77 -19.19 8.03
N ILE A 183 20.48 -18.42 8.88
CA ILE A 183 20.45 -16.96 8.78
C ILE A 183 21.85 -16.36 8.91
N GLU A 184 22.18 -15.48 7.97
CA GLU A 184 23.48 -14.83 7.96
C GLU A 184 23.61 -13.88 9.14
N ASP A 185 24.83 -13.56 9.53
CA ASP A 185 25.06 -12.67 10.66
C ASP A 185 24.81 -11.19 10.39
N ASP A 186 24.86 -10.77 9.13
CA ASP A 186 24.65 -9.36 8.82
C ASP A 186 23.16 -9.06 8.63
N THR A 187 22.34 -9.50 9.57
CA THR A 187 20.91 -9.29 9.43
C THR A 187 20.17 -8.64 10.58
N GLY A 188 19.35 -7.65 10.23
CA GLY A 188 18.53 -7.02 11.23
C GLY A 188 17.46 -8.07 11.52
N ILE A 189 16.97 -8.12 12.74
CA ILE A 189 15.98 -9.13 13.08
C ILE A 189 14.76 -8.53 13.75
N GLY A 190 13.60 -8.83 13.19
CA GLY A 190 12.35 -8.33 13.75
C GLY A 190 11.36 -9.47 13.95
N ILE A 191 10.53 -9.36 14.98
CA ILE A 191 9.55 -10.41 15.22
C ILE A 191 8.12 -9.91 15.03
N LYS A 192 7.41 -10.56 14.10
CA LYS A 192 6.03 -10.23 13.79
C LYS A 192 5.12 -11.15 14.59
N VAL A 193 4.38 -10.58 15.52
CA VAL A 193 3.48 -11.36 16.34
C VAL A 193 2.01 -11.09 15.94
N MET A 194 1.23 -12.17 15.85
CA MET A 194 -0.18 -12.07 15.51
C MET A 194 -0.95 -12.87 16.55
N SER A 195 -1.73 -12.16 17.36
CA SER A 195 -2.52 -12.75 18.44
C SER A 195 -3.96 -13.11 18.09
N LYS A 196 -4.36 -14.32 18.47
CA LYS A 196 -5.72 -14.78 18.21
C LYS A 196 -6.76 -13.89 18.88
N TYR A 197 -6.55 -13.59 20.16
CA TYR A 197 -7.48 -12.75 20.92
C TYR A 197 -7.59 -11.30 20.42
N LYS A 198 -6.47 -10.70 20.00
CA LYS A 198 -6.48 -9.34 19.51
C LYS A 198 -7.24 -9.29 18.18
N THR A 199 -7.10 -10.35 17.40
CA THR A 199 -7.76 -10.44 16.11
C THR A 199 -9.25 -10.58 16.36
N GLN A 200 -9.61 -11.47 17.28
CA GLN A 200 -11.01 -11.71 17.59
C GLN A 200 -11.76 -10.47 18.09
N ARG A 201 -11.14 -9.68 18.96
CA ARG A 201 -11.84 -8.52 19.47
C ARG A 201 -12.03 -7.43 18.40
N ILE A 202 -11.05 -7.22 17.54
CA ILE A 202 -11.21 -6.20 16.50
C ILE A 202 -12.32 -6.66 15.53
N THR A 203 -12.39 -7.96 15.28
CA THR A 203 -13.42 -8.53 14.39
C THR A 203 -14.81 -8.34 15.00
N ARG A 204 -14.92 -8.54 16.32
CA ARG A 204 -16.20 -8.37 17.00
C ARG A 204 -16.67 -6.92 16.86
N LEU A 205 -15.74 -5.98 16.94
CA LEU A 205 -16.04 -4.57 16.82
C LEU A 205 -16.55 -4.21 15.44
N ALA A 206 -15.88 -4.73 14.42
CA ALA A 206 -16.22 -4.46 13.02
C ALA A 206 -17.60 -4.97 12.66
N ILE A 207 -17.84 -6.24 12.96
CA ILE A 207 -19.13 -6.85 12.67
C ILE A 207 -20.21 -6.13 13.47
N GLN A 208 -19.96 -5.90 14.76
CA GLN A 208 -20.92 -5.22 15.59
C GLN A 208 -21.23 -3.84 15.05
N TYR A 209 -20.25 -3.20 14.42
CA TYR A 209 -20.49 -1.88 13.85
C TYR A 209 -21.33 -2.01 12.59
N ALA A 210 -21.06 -3.06 11.82
CA ALA A 210 -21.77 -3.33 10.58
C ALA A 210 -23.27 -3.56 10.86
N ILE A 211 -23.55 -4.31 11.92
CA ILE A 211 -24.92 -4.59 12.31
C ILE A 211 -25.56 -3.28 12.72
N GLU A 212 -24.97 -2.63 13.71
CA GLU A 212 -25.46 -1.37 14.25
C GLU A 212 -25.76 -0.29 13.20
N HIS A 213 -24.88 -0.14 12.22
CA HIS A 213 -25.07 0.91 11.22
C HIS A 213 -25.51 0.48 9.82
N LYS A 214 -26.25 -0.61 9.75
CA LYS A 214 -26.76 -1.13 8.50
C LYS A 214 -25.70 -1.19 7.40
N ARG A 215 -24.50 -1.60 7.78
CA ARG A 215 -23.41 -1.75 6.82
C ARG A 215 -23.61 -3.14 6.26
N LYS A 216 -23.14 -3.39 5.04
CA LYS A 216 -23.36 -4.69 4.43
C LYS A 216 -22.17 -5.56 4.04
N LYS A 217 -20.95 -5.04 4.18
CA LYS A 217 -19.79 -5.82 3.76
C LYS A 217 -18.55 -5.63 4.63
N VAL A 218 -17.90 -6.73 5.00
CA VAL A 218 -16.68 -6.70 5.79
C VAL A 218 -15.61 -7.46 5.00
N THR A 219 -14.56 -6.76 4.57
CA THR A 219 -13.48 -7.38 3.80
C THR A 219 -12.22 -7.47 4.64
N ILE A 220 -11.68 -8.69 4.78
CA ILE A 220 -10.46 -8.88 5.57
C ILE A 220 -9.25 -8.67 4.66
N MET A 221 -8.33 -7.79 5.09
CA MET A 221 -7.13 -7.52 4.30
C MET A 221 -5.97 -8.34 4.90
N HIS A 222 -5.23 -9.06 4.07
CA HIS A 222 -4.14 -9.90 4.57
C HIS A 222 -3.20 -10.35 3.44
N LYS A 223 -2.02 -10.82 3.83
CA LYS A 223 -1.05 -11.32 2.87
C LYS A 223 -0.73 -12.76 3.30
N GLY A 224 -1.80 -13.51 3.56
CA GLY A 224 -1.69 -14.87 4.03
C GLY A 224 -1.03 -15.90 3.14
N ASN A 225 -0.90 -15.60 1.85
CA ASN A 225 -0.25 -16.54 0.95
C ASN A 225 1.25 -16.61 1.26
N VAL A 226 1.83 -15.53 1.78
CA VAL A 226 3.26 -15.53 2.09
C VAL A 226 3.49 -15.59 3.61
N MET A 227 2.61 -14.94 4.36
CA MET A 227 2.70 -14.94 5.80
C MET A 227 1.52 -15.76 6.32
N LYS A 228 1.57 -17.06 6.02
CA LYS A 228 0.52 -18.00 6.40
C LYS A 228 0.13 -18.05 7.88
N TYR A 229 1.12 -18.03 8.78
CA TYR A 229 0.83 -18.14 10.22
C TYR A 229 0.64 -16.86 11.02
N THR A 230 0.69 -15.71 10.34
CA THR A 230 0.45 -14.45 11.00
C THR A 230 -0.75 -13.76 10.33
N GLU A 231 -0.58 -13.31 9.09
CA GLU A 231 -1.67 -12.65 8.37
C GLU A 231 -2.72 -13.70 8.04
N GLY A 232 -2.24 -14.88 7.67
CA GLY A 232 -3.13 -15.97 7.31
C GLY A 232 -3.99 -16.37 8.48
N ALA A 233 -3.39 -16.43 9.67
CA ALA A 233 -4.10 -16.80 10.89
C ALA A 233 -5.11 -15.69 11.23
N PHE A 234 -4.73 -14.45 10.96
CA PHE A 234 -5.63 -13.32 11.22
C PHE A 234 -6.90 -13.55 10.42
N ARG A 235 -6.74 -13.98 9.17
CA ARG A 235 -7.88 -14.25 8.31
C ARG A 235 -8.73 -15.38 8.87
N GLU A 236 -8.10 -16.52 9.15
CA GLU A 236 -8.80 -17.67 9.69
C GLU A 236 -9.54 -17.31 10.98
N TRP A 237 -8.82 -16.65 11.90
CA TRP A 237 -9.40 -16.25 13.17
C TRP A 237 -10.58 -15.30 13.02
N ALA A 238 -10.50 -14.38 12.05
CA ALA A 238 -11.59 -13.43 11.84
C ALA A 238 -12.83 -14.20 11.40
N TYR A 239 -12.67 -15.08 10.42
CA TYR A 239 -13.78 -15.90 9.93
C TYR A 239 -14.40 -16.70 11.07
N GLU A 240 -13.54 -17.31 11.87
CA GLU A 240 -13.92 -18.12 13.02
C GLU A 240 -14.94 -17.43 13.91
N VAL A 241 -14.54 -16.32 14.53
CA VAL A 241 -15.43 -15.59 15.42
C VAL A 241 -16.71 -15.17 14.71
N ALA A 242 -16.60 -14.87 13.42
CA ALA A 242 -17.75 -14.43 12.63
C ALA A 242 -18.76 -15.56 12.35
N LEU A 243 -18.25 -16.72 11.97
CA LEU A 243 -19.10 -17.87 11.67
C LEU A 243 -19.60 -18.56 12.94
N LYS A 244 -19.05 -18.17 14.09
CA LYS A 244 -19.44 -18.81 15.33
C LYS A 244 -20.22 -17.91 16.29
N GLU A 245 -19.98 -16.61 16.23
CA GLU A 245 -20.67 -15.71 17.15
C GLU A 245 -21.70 -14.79 16.50
N TYR A 246 -21.67 -14.71 15.16
CA TYR A 246 -22.61 -13.87 14.42
C TYR A 246 -23.19 -14.66 13.25
N ARG A 247 -23.44 -15.94 13.48
CA ARG A 247 -23.97 -16.85 12.49
C ARG A 247 -25.17 -16.34 11.68
N ASP A 248 -26.19 -15.83 12.34
CA ASP A 248 -27.34 -15.34 11.57
C ASP A 248 -27.30 -13.85 11.25
N PHE A 249 -26.10 -13.29 11.19
CA PHE A 249 -25.92 -11.88 10.86
C PHE A 249 -25.06 -11.72 9.61
N ILE A 250 -24.22 -12.72 9.35
CA ILE A 250 -23.33 -12.64 8.20
C ILE A 250 -23.36 -13.88 7.30
N VAL A 251 -22.88 -13.70 6.07
CA VAL A 251 -22.80 -14.78 5.09
C VAL A 251 -21.49 -14.58 4.34
N THR A 252 -20.68 -15.62 4.21
CA THR A 252 -19.41 -15.48 3.52
C THR A 252 -19.54 -15.44 2.00
N GLU A 253 -18.53 -14.86 1.36
CA GLU A 253 -18.48 -14.74 -0.10
C GLU A 253 -18.44 -16.14 -0.72
N GLU A 254 -17.81 -17.08 -0.03
CA GLU A 254 -17.71 -18.45 -0.51
C GLU A 254 -19.11 -19.07 -0.53
N GLU A 255 -19.83 -18.92 0.57
CA GLU A 255 -21.18 -19.43 0.68
C GLU A 255 -22.08 -18.85 -0.41
N ILE A 256 -22.00 -17.54 -0.63
CA ILE A 256 -22.82 -16.89 -1.65
C ILE A 256 -22.58 -17.49 -3.03
N ASN A 257 -21.36 -17.37 -3.56
CA ASN A 257 -21.08 -17.95 -4.87
C ASN A 257 -20.91 -19.45 -4.70
N GLN A 258 -21.92 -20.05 -4.07
CA GLN A 258 -21.96 -21.48 -3.82
C GLN A 258 -23.43 -21.84 -3.68
N GLY A 259 -24.27 -20.82 -3.51
CA GLY A 259 -25.70 -21.05 -3.40
C GLY A 259 -26.42 -20.32 -2.27
N LYS A 260 -25.71 -20.07 -1.17
CA LYS A 260 -26.30 -19.39 -0.02
C LYS A 260 -26.81 -17.98 -0.33
N PRO A 261 -28.05 -17.67 0.08
CA PRO A 261 -28.68 -16.36 -0.13
C PRO A 261 -28.10 -15.31 0.82
N ASP A 262 -27.86 -14.11 0.29
CA ASP A 262 -27.28 -13.02 1.06
C ASP A 262 -28.26 -11.91 1.40
N GLN A 263 -29.49 -12.03 0.90
CA GLN A 263 -30.50 -11.02 1.17
C GLN A 263 -30.71 -10.99 2.68
N GLY A 264 -30.53 -9.83 3.29
CA GLY A 264 -30.72 -9.71 4.72
C GLY A 264 -29.51 -10.08 5.56
N LYS A 265 -28.32 -10.05 4.96
CA LYS A 265 -27.11 -10.37 5.71
C LYS A 265 -25.86 -9.63 5.27
N ILE A 266 -24.92 -9.51 6.20
CA ILE A 266 -23.66 -8.84 5.94
C ILE A 266 -22.70 -9.79 5.28
N ILE A 267 -22.13 -9.35 4.16
CA ILE A 267 -21.18 -10.16 3.41
C ILE A 267 -19.80 -10.09 4.04
N LEU A 268 -19.19 -11.26 4.23
CA LEU A 268 -17.85 -11.32 4.81
C LEU A 268 -16.90 -12.04 3.86
N ASN A 269 -15.89 -11.33 3.37
CA ASN A 269 -14.95 -11.96 2.47
C ASN A 269 -13.54 -11.54 2.83
N ASP A 270 -12.57 -11.89 1.98
CA ASP A 270 -11.18 -11.53 2.22
C ASP A 270 -10.45 -11.35 0.91
N ARG A 271 -9.49 -10.41 0.92
CA ARG A 271 -8.69 -10.11 -0.25
C ARG A 271 -7.22 -10.07 0.15
N ILE A 272 -6.35 -10.50 -0.76
CA ILE A 272 -4.92 -10.47 -0.51
C ILE A 272 -4.50 -9.00 -0.58
N ALA A 273 -3.64 -8.60 0.35
CA ALA A 273 -3.17 -7.23 0.44
C ALA A 273 -2.86 -6.55 -0.91
N ASP A 274 -2.02 -7.20 -1.72
CA ASP A 274 -1.65 -6.62 -3.01
C ASP A 274 -2.82 -6.38 -3.96
N ASN A 275 -3.90 -7.14 -3.81
CA ASN A 275 -5.05 -6.92 -4.67
C ASN A 275 -5.79 -5.68 -4.21
N MET A 276 -5.73 -5.41 -2.91
CA MET A 276 -6.40 -4.25 -2.35
C MET A 276 -5.66 -2.95 -2.68
N PHE A 277 -4.36 -3.02 -2.88
CA PHE A 277 -3.62 -1.82 -3.23
C PHE A 277 -3.95 -1.43 -4.67
N GLN A 278 -4.40 -2.41 -5.44
CA GLN A 278 -4.78 -2.16 -6.83
C GLN A 278 -6.23 -1.72 -6.91
N GLN A 279 -7.13 -2.54 -6.35
CA GLN A 279 -8.55 -2.25 -6.39
C GLN A 279 -8.99 -1.01 -5.62
N ILE A 280 -8.24 -0.62 -4.60
CA ILE A 280 -8.63 0.56 -3.84
C ILE A 280 -8.43 1.78 -4.75
N ILE A 281 -7.64 1.61 -5.80
CA ILE A 281 -7.40 2.68 -6.74
C ILE A 281 -8.33 2.60 -7.96
N ILE A 282 -8.52 1.40 -8.52
CA ILE A 282 -9.37 1.25 -9.68
C ILE A 282 -10.87 1.28 -9.36
N ARG A 283 -11.27 0.65 -8.25
CA ARG A 283 -12.68 0.69 -7.86
C ARG A 283 -12.92 0.52 -6.37
N PRO A 284 -12.59 1.56 -5.59
CA PRO A 284 -12.76 1.56 -4.12
C PRO A 284 -14.20 1.34 -3.67
N GLU A 285 -15.15 1.65 -4.54
CA GLU A 285 -16.55 1.46 -4.21
C GLU A 285 -16.84 0.02 -3.79
N GLU A 286 -15.97 -0.90 -4.21
CA GLU A 286 -16.14 -2.31 -3.88
C GLU A 286 -15.89 -2.60 -2.40
N TYR A 287 -15.40 -1.59 -1.68
CA TYR A 287 -15.13 -1.76 -0.26
C TYR A 287 -16.15 -1.05 0.60
N ASP A 288 -16.55 -1.73 1.68
CA ASP A 288 -17.48 -1.19 2.63
C ASP A 288 -16.63 -1.04 3.90
N ILE A 289 -16.50 -2.14 4.65
CA ILE A 289 -15.67 -2.15 5.86
C ILE A 289 -14.42 -2.99 5.62
N ILE A 290 -13.26 -2.40 5.89
CA ILE A 290 -11.99 -3.08 5.70
C ILE A 290 -11.42 -3.47 7.07
N LEU A 291 -11.37 -4.77 7.33
CA LEU A 291 -10.88 -5.34 8.59
C LEU A 291 -9.44 -5.75 8.34
N ALA A 292 -8.48 -5.03 8.92
CA ALA A 292 -7.08 -5.34 8.69
C ALA A 292 -6.20 -5.31 9.92
N PRO A 293 -5.08 -6.05 9.91
CA PRO A 293 -4.15 -6.08 11.04
C PRO A 293 -3.32 -4.80 11.01
N ASN A 294 -2.53 -4.57 12.05
CA ASN A 294 -1.76 -3.34 12.20
C ASN A 294 -1.04 -2.71 11.01
N VAL A 295 -0.13 -3.43 10.38
CA VAL A 295 0.60 -2.83 9.27
C VAL A 295 -0.25 -2.62 8.02
N ASN A 296 -1.04 -3.63 7.66
CA ASN A 296 -1.87 -3.49 6.46
C ASN A 296 -2.83 -2.33 6.59
N GLY A 297 -3.52 -2.29 7.72
CA GLY A 297 -4.49 -1.22 7.96
C GLY A 297 -3.81 0.13 7.89
N ASP A 298 -2.58 0.22 8.38
CA ASP A 298 -1.88 1.49 8.32
C ASP A 298 -1.72 1.93 6.87
N TYR A 299 -1.17 1.02 6.06
CA TYR A 299 -0.95 1.31 4.66
C TYR A 299 -2.23 1.57 3.86
N ILE A 300 -3.24 0.72 4.02
CA ILE A 300 -4.47 0.90 3.28
C ILE A 300 -5.11 2.26 3.66
N SER A 301 -5.06 2.61 4.95
CA SER A 301 -5.60 3.87 5.41
C SER A 301 -4.92 5.04 4.70
N ASP A 302 -3.60 4.98 4.60
CA ASP A 302 -2.84 6.04 3.93
C ASP A 302 -3.36 6.21 2.53
N ALA A 303 -3.53 5.10 1.82
CA ALA A 303 -3.99 5.16 0.46
C ALA A 303 -5.43 5.62 0.41
N ALA A 304 -6.27 4.97 1.21
CA ALA A 304 -7.69 5.28 1.26
C ALA A 304 -7.94 6.78 1.39
N GLY A 305 -7.45 7.37 2.47
CA GLY A 305 -7.66 8.78 2.69
C GLY A 305 -7.03 9.63 1.60
N ALA A 306 -6.15 9.03 0.81
CA ALA A 306 -5.50 9.75 -0.27
C ALA A 306 -6.49 9.92 -1.42
N LEU A 307 -7.50 9.07 -1.44
CA LEU A 307 -8.51 9.11 -2.49
C LEU A 307 -9.33 10.41 -2.51
N ILE A 308 -9.60 10.99 -1.34
CA ILE A 308 -10.37 12.22 -1.31
C ILE A 308 -9.46 13.42 -1.58
N GLY A 309 -8.16 13.25 -1.31
CA GLY A 309 -7.19 14.31 -1.57
C GLY A 309 -7.14 15.49 -0.61
N ASN A 310 -7.81 15.38 0.53
CA ASN A 310 -7.80 16.44 1.53
C ASN A 310 -7.77 15.78 2.90
N ILE A 311 -6.68 15.07 3.19
CA ILE A 311 -6.56 14.37 4.45
C ILE A 311 -7.08 15.22 5.61
N GLY A 312 -6.87 16.54 5.50
CA GLY A 312 -7.31 17.47 6.53
C GLY A 312 -8.81 17.65 6.67
N MET A 313 -9.59 16.73 6.13
CA MET A 313 -11.03 16.79 6.25
C MET A 313 -11.56 15.44 6.66
N LEU A 314 -10.64 14.59 7.09
CA LEU A 314 -10.97 13.24 7.52
C LEU A 314 -10.99 13.11 9.02
N GLY A 315 -11.94 12.33 9.52
CA GLY A 315 -12.03 12.09 10.94
C GLY A 315 -11.56 10.67 11.18
N GLY A 316 -11.29 10.34 12.43
CA GLY A 316 -10.84 8.99 12.77
C GLY A 316 -11.00 8.77 14.26
N ALA A 317 -10.73 7.57 14.74
CA ALA A 317 -10.87 7.34 16.17
C ALA A 317 -10.07 6.12 16.63
N ASN A 318 -9.96 5.97 17.94
CA ASN A 318 -9.31 4.84 18.59
C ASN A 318 -10.33 4.37 19.59
N ILE A 319 -10.79 3.13 19.43
CA ILE A 319 -11.82 2.60 20.31
C ILE A 319 -11.51 1.30 21.01
N GLY A 320 -11.89 1.23 22.28
CA GLY A 320 -11.68 0.02 23.05
C GLY A 320 -13.04 -0.54 23.43
N ASP A 321 -13.07 -1.53 24.32
CA ASP A 321 -14.36 -2.08 24.73
C ASP A 321 -15.07 -1.12 25.67
N GLU A 322 -14.32 -0.19 26.27
CA GLU A 322 -14.91 0.75 27.20
C GLU A 322 -14.43 2.20 27.02
N GLY A 323 -14.51 2.70 25.79
CA GLY A 323 -14.08 4.06 25.57
C GLY A 323 -13.69 4.39 24.14
N GLY A 324 -13.42 5.66 23.91
CA GLY A 324 -13.03 6.09 22.58
C GLY A 324 -12.41 7.46 22.55
N MET A 325 -11.47 7.64 21.62
CA MET A 325 -10.80 8.91 21.44
C MET A 325 -11.11 9.30 20.00
N PHE A 326 -11.58 10.53 19.78
CA PHE A 326 -11.89 10.95 18.43
C PHE A 326 -11.09 12.19 18.04
N GLU A 327 -10.44 12.13 16.88
CA GLU A 327 -9.61 13.22 16.42
C GLU A 327 -9.59 13.32 14.90
N ALA A 328 -9.04 14.44 14.42
CA ALA A 328 -8.90 14.69 13.00
C ALA A 328 -7.61 14.03 12.55
N ILE A 329 -7.47 13.76 11.26
CA ILE A 329 -6.29 13.12 10.74
C ILE A 329 -5.17 14.11 10.40
N HIS A 330 -5.33 15.36 10.81
CA HIS A 330 -4.30 16.35 10.51
C HIS A 330 -3.54 16.76 11.76
N GLY A 331 -2.49 17.57 11.57
CA GLY A 331 -1.69 18.04 12.68
C GLY A 331 -2.13 19.37 13.26
N THR A 332 -1.24 19.99 14.04
CA THR A 332 -1.54 21.26 14.70
C THR A 332 -1.45 22.49 13.79
N ALA A 333 -1.01 22.31 12.54
CA ALA A 333 -0.90 23.42 11.59
C ALA A 333 -0.48 24.74 12.25
N PRO A 334 0.72 24.78 12.86
CA PRO A 334 1.16 26.02 13.51
C PRO A 334 1.09 27.32 12.72
N LYS A 335 1.25 27.25 11.40
CA LYS A 335 1.22 28.48 10.61
C LYS A 335 -0.14 29.19 10.66
N TYR A 336 -1.19 28.45 10.98
CA TYR A 336 -2.52 29.04 11.02
C TYR A 336 -3.09 29.21 12.42
N ALA A 337 -2.32 28.82 13.43
CA ALA A 337 -2.78 28.92 14.81
C ALA A 337 -3.35 30.29 15.14
N GLY A 338 -4.61 30.29 15.57
CA GLY A 338 -5.27 31.54 15.95
C GLY A 338 -5.50 32.56 14.85
N LYS A 339 -5.54 32.12 13.60
CA LYS A 339 -5.77 33.05 12.49
C LYS A 339 -7.13 32.85 11.86
N ASN A 340 -7.96 32.01 12.50
CA ASN A 340 -9.31 31.74 12.03
C ASN A 340 -9.32 31.39 10.53
N VAL A 341 -8.36 30.57 10.12
CA VAL A 341 -8.24 30.17 8.72
C VAL A 341 -8.38 28.67 8.55
N ALA A 342 -7.94 27.92 9.55
CA ALA A 342 -7.97 26.45 9.53
C ALA A 342 -9.34 25.84 9.25
N ASN A 343 -9.34 24.71 8.54
CA ASN A 343 -10.57 23.98 8.21
C ASN A 343 -10.93 23.07 9.40
N PRO A 344 -12.13 23.24 9.98
CA PRO A 344 -12.60 22.44 11.12
C PRO A 344 -13.31 21.14 10.77
N THR A 345 -13.49 20.89 9.49
CA THR A 345 -14.18 19.69 9.04
C THR A 345 -13.59 18.39 9.57
N GLY A 346 -12.28 18.34 9.69
CA GLY A 346 -11.63 17.14 10.19
C GLY A 346 -12.10 16.75 11.56
N ILE A 347 -12.04 17.70 12.50
CA ILE A 347 -12.45 17.44 13.87
C ILE A 347 -13.97 17.25 13.95
N ILE A 348 -14.71 18.04 13.17
CA ILE A 348 -16.16 17.91 13.13
C ILE A 348 -16.47 16.48 12.72
N LYS A 349 -15.79 16.01 11.67
CA LYS A 349 -15.98 14.66 11.20
C LYS A 349 -15.67 13.66 12.31
N ALA A 350 -14.71 13.98 13.16
CA ALA A 350 -14.36 13.08 14.27
C ALA A 350 -15.57 13.02 15.20
N GLY A 351 -16.23 14.17 15.34
CA GLY A 351 -17.42 14.27 16.17
C GLY A 351 -18.57 13.52 15.54
N GLU A 352 -18.58 13.50 14.21
CA GLU A 352 -19.63 12.79 13.50
C GLU A 352 -19.51 11.32 13.89
N LEU A 353 -18.28 10.83 13.83
CA LEU A 353 -17.97 9.45 14.15
C LEU A 353 -18.31 9.15 15.60
N MET A 354 -17.99 10.07 16.49
CA MET A 354 -18.30 9.88 17.90
C MET A 354 -19.82 9.72 18.06
N LEU A 355 -20.55 10.52 17.30
CA LEU A 355 -22.00 10.52 17.32
C LEU A 355 -22.56 9.19 16.87
N ARG A 356 -21.93 8.58 15.86
CA ARG A 356 -22.37 7.29 15.38
C ARG A 356 -22.08 6.20 16.40
N TRP A 357 -20.91 6.28 17.03
CA TRP A 357 -20.56 5.28 18.02
C TRP A 357 -21.47 5.39 19.22
N MET A 358 -22.10 6.55 19.41
CA MET A 358 -23.02 6.79 20.51
C MET A 358 -24.43 6.33 20.15
N GLY A 359 -24.64 5.97 18.89
CA GLY A 359 -25.96 5.56 18.47
C GLY A 359 -26.83 6.77 18.14
N TRP A 360 -26.21 7.96 18.11
CA TRP A 360 -26.97 9.16 17.80
C TRP A 360 -26.80 9.46 16.30
N ASN A 361 -27.20 8.50 15.47
CA ASN A 361 -27.08 8.61 14.04
C ASN A 361 -27.83 9.78 13.40
N GLU A 362 -28.90 10.24 14.04
CA GLU A 362 -29.66 11.36 13.49
C GLU A 362 -28.82 12.62 13.49
N ALA A 363 -28.13 12.88 14.60
CA ALA A 363 -27.30 14.07 14.71
C ALA A 363 -26.15 13.96 13.72
N ALA A 364 -25.59 12.77 13.63
CA ALA A 364 -24.47 12.49 12.75
C ALA A 364 -24.83 12.72 11.28
N ASP A 365 -26.02 12.28 10.88
CA ASP A 365 -26.46 12.44 9.50
C ASP A 365 -26.61 13.90 9.16
N LEU A 366 -27.12 14.67 10.12
CA LEU A 366 -27.30 16.09 9.93
C LEU A 366 -25.97 16.73 9.60
N ILE A 367 -24.96 16.40 10.40
CA ILE A 367 -23.63 16.96 10.20
C ILE A 367 -23.08 16.60 8.82
N GLU A 368 -23.22 15.33 8.44
CA GLU A 368 -22.71 14.89 7.14
C GLU A 368 -23.40 15.64 5.99
N LYS A 369 -24.72 15.78 6.08
CA LYS A 369 -25.48 16.47 5.04
C LYS A 369 -25.09 17.94 4.97
N ALA A 370 -24.97 18.58 6.13
CA ALA A 370 -24.61 19.99 6.17
C ALA A 370 -23.27 20.25 5.47
N ILE A 371 -22.29 19.40 5.77
CA ILE A 371 -20.97 19.51 5.16
C ILE A 371 -21.08 19.36 3.66
N ASN A 372 -21.85 18.36 3.23
CA ASN A 372 -22.03 18.12 1.80
C ASN A 372 -22.60 19.35 1.08
N MET A 373 -23.55 20.00 1.73
CA MET A 373 -24.20 21.16 1.16
C MET A 373 -23.31 22.39 1.14
N ALA A 374 -22.62 22.63 2.25
CA ALA A 374 -21.72 23.77 2.36
C ALA A 374 -20.67 23.77 1.25
N ILE A 375 -20.21 22.56 0.91
CA ILE A 375 -19.21 22.40 -0.12
C ILE A 375 -19.83 22.57 -1.50
N ARG A 376 -20.97 21.93 -1.70
CA ARG A 376 -21.70 22.02 -2.94
C ARG A 376 -21.99 23.48 -3.28
N ASP A 377 -22.20 24.28 -2.24
CA ASP A 377 -22.49 25.68 -2.43
C ASP A 377 -21.28 26.59 -2.34
N LYS A 378 -20.10 26.01 -2.50
CA LYS A 378 -18.84 26.77 -2.43
C LYS A 378 -18.69 27.67 -1.21
N LYS A 379 -19.14 27.20 -0.06
CA LYS A 379 -19.04 27.97 1.18
C LYS A 379 -18.04 27.22 2.06
N VAL A 380 -16.76 27.42 1.77
CA VAL A 380 -15.68 26.71 2.46
C VAL A 380 -14.47 27.56 2.89
N THR A 381 -13.58 26.91 3.64
CA THR A 381 -12.36 27.54 4.15
C THR A 381 -11.32 27.60 3.04
N GLN A 382 -10.32 28.47 3.19
CA GLN A 382 -9.29 28.65 2.17
C GLN A 382 -8.67 27.39 1.55
N ASP A 383 -8.31 26.41 2.37
CA ASP A 383 -7.71 25.17 1.87
C ASP A 383 -8.53 24.56 0.73
N ILE A 384 -9.78 24.99 0.59
CA ILE A 384 -10.61 24.50 -0.49
C ILE A 384 -10.88 25.61 -1.49
N ALA A 385 -11.06 26.83 -0.99
CA ALA A 385 -11.32 27.97 -1.86
C ALA A 385 -10.26 28.06 -2.97
N ARG A 386 -9.00 27.93 -2.58
CA ARG A 386 -7.86 27.97 -3.50
C ARG A 386 -8.11 27.38 -4.88
N PHE A 387 -8.78 26.22 -4.92
CA PHE A 387 -9.00 25.54 -6.19
C PHE A 387 -10.32 25.77 -6.89
N MET A 388 -11.35 26.19 -6.17
CA MET A 388 -12.63 26.43 -6.80
C MET A 388 -12.86 27.89 -7.17
N GLY A 389 -11.80 28.69 -7.05
CA GLY A 389 -11.89 30.10 -7.39
C GLY A 389 -12.99 30.94 -6.75
N VAL A 390 -13.17 30.78 -5.45
CA VAL A 390 -14.18 31.58 -4.75
C VAL A 390 -13.55 32.17 -3.50
N LYS A 391 -14.27 33.06 -2.83
CA LYS A 391 -13.76 33.66 -1.62
C LYS A 391 -13.90 32.66 -0.48
N ALA A 392 -12.91 32.64 0.40
CA ALA A 392 -12.90 31.69 1.51
C ALA A 392 -13.53 32.19 2.81
N LEU A 393 -14.21 31.29 3.51
CA LEU A 393 -14.81 31.61 4.81
C LEU A 393 -13.77 31.27 5.86
N GLY A 394 -13.80 31.96 6.98
CA GLY A 394 -12.86 31.65 8.04
C GLY A 394 -13.41 30.45 8.78
N THR A 395 -12.64 29.94 9.72
CA THR A 395 -13.03 28.80 10.56
C THR A 395 -14.40 29.07 11.20
N LYS A 396 -14.43 30.13 12.01
CA LYS A 396 -15.62 30.57 12.70
C LYS A 396 -16.82 30.66 11.76
N GLU A 397 -16.62 31.28 10.61
CA GLU A 397 -17.71 31.46 9.65
C GLU A 397 -18.16 30.18 8.98
N TYR A 398 -17.23 29.28 8.67
CA TYR A 398 -17.59 28.01 8.05
C TYR A 398 -18.46 27.19 9.01
N ALA A 399 -18.13 27.27 10.30
CA ALA A 399 -18.89 26.53 11.31
C ALA A 399 -20.28 27.11 11.46
N ASP A 400 -20.39 28.44 11.49
CA ASP A 400 -21.70 29.08 11.62
C ASP A 400 -22.56 28.81 10.37
N GLU A 401 -21.91 28.54 9.24
CA GLU A 401 -22.63 28.25 8.01
C GLU A 401 -23.23 26.84 8.07
N LEU A 402 -22.46 25.89 8.61
CA LEU A 402 -22.92 24.51 8.75
C LEU A 402 -24.12 24.55 9.70
N ILE A 403 -24.00 25.39 10.72
CA ILE A 403 -25.07 25.54 11.70
C ILE A 403 -26.29 26.15 11.02
N LYS A 404 -26.06 27.15 10.16
CA LYS A 404 -27.17 27.77 9.45
C LYS A 404 -27.86 26.75 8.54
N ILE A 405 -27.08 25.84 7.98
CA ILE A 405 -27.61 24.82 7.09
C ILE A 405 -28.41 23.71 7.82
N MET A 406 -27.84 23.17 8.90
CA MET A 406 -28.53 22.11 9.63
C MET A 406 -29.90 22.55 10.11
N ASP A 407 -30.09 23.86 10.19
CA ASP A 407 -31.34 24.42 10.64
C ASP A 407 -32.41 24.31 9.55
N THR A 408 -32.01 23.84 8.36
CA THR A 408 -32.91 23.71 7.22
C THR A 408 -33.12 22.28 6.73
N ILE A 409 -32.29 21.35 7.19
CA ILE A 409 -32.41 19.97 6.75
C ILE A 409 -32.94 19.04 7.83
N MET B 1 20.03 -34.18 -29.35
CA MET B 1 19.75 -33.10 -28.35
C MET B 1 18.44 -32.39 -28.71
N LEU B 2 17.90 -31.64 -27.76
CA LEU B 2 16.65 -30.94 -27.96
C LEU B 2 16.84 -29.59 -28.64
N TYR B 3 17.93 -28.90 -28.30
CA TYR B 3 18.16 -27.58 -28.87
C TYR B 3 19.40 -27.47 -29.74
N LYS B 4 19.24 -26.72 -30.82
CA LYS B 4 20.34 -26.46 -31.76
C LYS B 4 20.74 -25.00 -31.50
N GLU B 5 21.85 -24.82 -30.81
CA GLU B 5 22.34 -23.48 -30.49
C GLU B 5 22.78 -22.75 -31.75
N PRO B 6 22.26 -21.53 -31.95
CA PRO B 6 22.62 -20.73 -33.13
C PRO B 6 24.12 -20.44 -33.18
N GLU B 7 24.83 -21.20 -34.02
CA GLU B 7 26.27 -21.05 -34.15
C GLU B 7 26.62 -19.68 -34.70
N ASP B 8 25.60 -18.86 -34.89
CA ASP B 8 25.78 -17.53 -35.42
C ASP B 8 25.99 -16.47 -34.34
N GLY B 9 25.38 -16.66 -33.17
CA GLY B 9 25.51 -15.68 -32.09
C GLY B 9 26.45 -16.00 -30.95
N GLU B 10 26.53 -15.09 -29.97
CA GLU B 10 27.39 -15.25 -28.81
C GLU B 10 26.64 -14.94 -27.53
N LYS B 11 27.06 -15.56 -26.43
CA LYS B 11 26.40 -15.34 -25.16
C LYS B 11 26.79 -13.97 -24.58
N ILE B 12 25.87 -13.40 -23.80
CA ILE B 12 26.09 -12.11 -23.16
C ILE B 12 26.97 -12.32 -21.94
N LYS B 13 27.86 -11.35 -21.66
CA LYS B 13 28.77 -11.47 -20.53
C LYS B 13 28.52 -10.39 -19.47
N PHE B 14 29.07 -10.60 -18.28
CA PHE B 14 28.91 -9.67 -17.17
C PHE B 14 30.24 -9.58 -16.41
N ASP B 15 30.78 -8.38 -16.26
CA ASP B 15 32.03 -8.27 -15.53
C ASP B 15 31.74 -8.14 -14.04
N LYS B 16 30.81 -7.24 -13.71
CA LYS B 16 30.41 -6.99 -12.33
C LYS B 16 29.05 -6.30 -12.27
N GLY B 17 27.99 -7.04 -12.58
CA GLY B 17 26.66 -6.47 -12.55
C GLY B 17 26.34 -5.71 -13.84
N LYS B 18 27.37 -5.50 -14.66
CA LYS B 18 27.23 -4.79 -15.93
C LYS B 18 27.14 -5.76 -17.10
N TRP B 19 26.21 -5.51 -18.01
CA TRP B 19 26.02 -6.36 -19.17
C TRP B 19 26.97 -6.01 -20.31
N ILE B 20 27.64 -7.02 -20.85
CA ILE B 20 28.54 -6.87 -21.98
C ILE B 20 27.84 -7.65 -23.10
N VAL B 21 27.18 -6.91 -24.00
CA VAL B 21 26.41 -7.52 -25.09
C VAL B 21 27.09 -7.53 -26.45
N PRO B 22 27.02 -8.66 -27.16
CA PRO B 22 27.61 -8.82 -28.50
C PRO B 22 26.59 -8.27 -29.50
N ASN B 23 27.02 -7.99 -30.72
CA ASN B 23 26.09 -7.46 -31.72
C ASN B 23 25.09 -8.52 -32.19
N LYS B 24 25.38 -9.76 -31.83
CA LYS B 24 24.52 -10.87 -32.20
C LYS B 24 24.38 -11.75 -30.97
N PRO B 25 23.76 -11.21 -29.92
CA PRO B 25 23.55 -11.94 -28.67
C PRO B 25 22.51 -13.02 -28.79
N VAL B 26 22.79 -14.15 -28.14
CA VAL B 26 21.85 -15.24 -28.13
C VAL B 26 20.94 -14.90 -26.97
N ILE B 27 19.64 -14.96 -27.21
CA ILE B 27 18.68 -14.72 -26.18
C ILE B 27 17.70 -15.87 -26.24
N LEU B 28 17.37 -16.40 -25.07
CA LEU B 28 16.46 -17.51 -24.99
C LEU B 28 15.06 -16.94 -24.87
N TYR B 29 14.07 -17.75 -25.19
CA TYR B 29 12.70 -17.33 -25.03
C TYR B 29 11.83 -18.57 -24.83
N ILE B 30 10.79 -18.40 -24.02
CA ILE B 30 9.84 -19.46 -23.71
C ILE B 30 8.49 -18.89 -24.09
N GLU B 31 7.83 -19.53 -25.05
CA GLU B 31 6.52 -19.08 -25.52
C GLU B 31 5.53 -18.83 -24.37
N GLY B 32 5.41 -19.80 -23.49
CA GLY B 32 4.50 -19.70 -22.37
C GLY B 32 3.27 -20.56 -22.63
N ASP B 33 2.34 -20.56 -21.69
CA ASP B 33 1.11 -21.34 -21.81
C ASP B 33 -0.02 -20.44 -22.26
N GLY B 34 -1.10 -21.04 -22.76
CA GLY B 34 -2.22 -20.24 -23.20
C GLY B 34 -1.88 -19.23 -24.29
N ILE B 35 -2.09 -17.95 -24.01
CA ILE B 35 -1.81 -16.91 -24.99
C ILE B 35 -0.32 -16.74 -25.24
N GLY B 36 0.50 -17.37 -24.40
CA GLY B 36 1.95 -17.29 -24.52
C GLY B 36 2.49 -17.27 -25.95
N PRO B 37 2.29 -18.35 -26.72
CA PRO B 37 2.78 -18.46 -28.11
C PRO B 37 2.42 -17.26 -28.99
N GLU B 38 1.14 -16.91 -29.01
CA GLU B 38 0.67 -15.79 -29.83
C GLU B 38 1.33 -14.47 -29.46
N ILE B 39 1.31 -14.12 -28.17
CA ILE B 39 1.91 -12.86 -27.76
C ILE B 39 3.45 -12.84 -27.78
N THR B 40 4.10 -13.96 -27.50
CA THR B 40 5.55 -13.98 -27.49
C THR B 40 6.15 -13.86 -28.89
N ASN B 41 5.59 -14.60 -29.83
CA ASN B 41 6.10 -14.55 -31.20
C ASN B 41 5.85 -13.15 -31.77
N ALA B 42 4.74 -12.54 -31.34
CA ALA B 42 4.42 -11.20 -31.80
C ALA B 42 5.50 -10.24 -31.32
N ALA B 43 5.85 -10.35 -30.04
CA ALA B 43 6.87 -9.50 -29.45
C ALA B 43 8.23 -9.64 -30.14
N ILE B 44 8.64 -10.89 -30.36
CA ILE B 44 9.90 -11.19 -31.01
C ILE B 44 9.94 -10.52 -32.39
N LYS B 45 8.80 -10.48 -33.06
CA LYS B 45 8.72 -9.87 -34.37
C LYS B 45 8.93 -8.36 -34.24
N VAL B 46 8.25 -7.77 -33.27
CA VAL B 46 8.33 -6.33 -33.01
C VAL B 46 9.73 -5.92 -32.57
N ILE B 47 10.35 -6.74 -31.73
CA ILE B 47 11.69 -6.46 -31.22
C ILE B 47 12.70 -6.44 -32.39
N ASN B 48 12.61 -7.43 -33.26
CA ASN B 48 13.50 -7.53 -34.39
C ASN B 48 13.40 -6.31 -35.29
N LYS B 49 12.17 -5.91 -35.65
CA LYS B 49 11.99 -4.75 -36.52
C LYS B 49 12.60 -3.54 -35.84
N ALA B 50 12.37 -3.42 -34.53
CA ALA B 50 12.95 -2.31 -33.80
C ALA B 50 14.48 -2.36 -33.82
N VAL B 51 15.05 -3.55 -33.73
CA VAL B 51 16.51 -3.68 -33.74
C VAL B 51 17.12 -3.33 -35.09
N GLU B 52 16.45 -3.76 -36.15
CA GLU B 52 16.93 -3.50 -37.50
C GLU B 52 16.69 -2.05 -37.88
N ARG B 53 15.60 -1.48 -37.39
CA ARG B 53 15.27 -0.10 -37.69
C ARG B 53 16.21 0.86 -36.97
N ALA B 54 16.83 0.40 -35.89
CA ALA B 54 17.74 1.25 -35.11
C ALA B 54 19.21 1.02 -35.43
N TYR B 55 19.54 -0.20 -35.81
CA TYR B 55 20.93 -0.54 -36.10
C TYR B 55 21.14 -1.20 -37.45
N GLY B 56 20.10 -1.26 -38.26
CA GLY B 56 20.24 -1.90 -39.55
C GLY B 56 20.67 -3.32 -39.28
N SER B 57 21.64 -3.82 -40.03
CA SER B 57 22.12 -5.17 -39.85
C SER B 57 23.34 -5.26 -38.96
N SER B 58 23.72 -4.15 -38.34
CA SER B 58 24.90 -4.16 -37.47
C SER B 58 24.61 -4.87 -36.15
N ARG B 59 23.34 -5.18 -35.92
CA ARG B 59 22.95 -5.87 -34.71
C ARG B 59 21.80 -6.81 -34.99
N GLU B 60 21.80 -7.94 -34.31
CA GLU B 60 20.75 -8.92 -34.51
C GLU B 60 20.71 -9.93 -33.37
N ILE B 61 19.54 -10.06 -32.76
CA ILE B 61 19.32 -10.99 -31.67
C ILE B 61 19.19 -12.40 -32.21
N LYS B 62 20.04 -13.31 -31.75
CA LYS B 62 19.96 -14.69 -32.20
C LYS B 62 19.10 -15.46 -31.22
N TRP B 63 17.78 -15.36 -31.41
CA TRP B 63 16.81 -16.02 -30.54
C TRP B 63 16.97 -17.53 -30.49
N LEU B 64 16.82 -18.09 -29.31
CA LEU B 64 16.89 -19.54 -29.14
C LEU B 64 15.72 -19.92 -28.24
N GLU B 65 14.73 -20.59 -28.82
CA GLU B 65 13.56 -21.01 -28.03
C GLU B 65 13.88 -22.24 -27.21
N VAL B 66 13.41 -22.25 -25.98
CA VAL B 66 13.58 -23.42 -25.10
C VAL B 66 12.19 -23.77 -24.57
N TYR B 67 12.01 -25.00 -24.14
CA TYR B 67 10.71 -25.45 -23.66
C TYR B 67 10.54 -25.48 -22.15
N ALA B 68 9.40 -24.98 -21.69
CA ALA B 68 9.08 -24.97 -20.26
C ALA B 68 7.56 -24.92 -20.14
N GLY B 69 7.02 -25.58 -19.13
CA GLY B 69 5.58 -25.57 -18.94
C GLY B 69 4.83 -26.65 -19.71
N GLU B 70 3.61 -26.34 -20.12
CA GLU B 70 2.75 -27.29 -20.83
C GLU B 70 3.30 -27.82 -22.16
N LYS B 71 4.00 -26.96 -22.90
CA LYS B 71 4.57 -27.40 -24.17
C LYS B 71 5.69 -28.40 -23.88
N ALA B 72 6.47 -28.15 -22.84
CA ALA B 72 7.58 -29.03 -22.47
C ALA B 72 7.06 -30.37 -21.96
N GLU B 73 5.97 -30.33 -21.20
CA GLU B 73 5.39 -31.56 -20.68
C GLU B 73 4.91 -32.43 -21.84
N LYS B 74 4.22 -31.81 -22.79
CA LYS B 74 3.68 -32.53 -23.93
C LYS B 74 4.76 -33.07 -24.87
N LEU B 75 5.87 -32.36 -24.98
CA LEU B 75 6.93 -32.81 -25.87
C LEU B 75 7.85 -33.86 -25.26
N VAL B 76 8.35 -33.59 -24.06
CA VAL B 76 9.27 -34.51 -23.41
C VAL B 76 8.83 -35.01 -22.04
N ASN B 77 7.58 -34.78 -21.71
CA ASN B 77 7.01 -35.22 -20.43
C ASN B 77 7.75 -34.67 -19.20
N ASP B 78 8.14 -33.39 -19.28
CA ASP B 78 8.84 -32.71 -18.19
C ASP B 78 8.58 -31.23 -18.39
N ARG B 79 8.05 -30.57 -17.36
CA ARG B 79 7.72 -29.13 -17.44
C ARG B 79 8.94 -28.20 -17.41
N PHE B 80 10.06 -28.71 -16.92
CA PHE B 80 11.30 -27.94 -16.86
C PHE B 80 12.46 -28.88 -17.18
N PRO B 81 12.52 -29.36 -18.43
CA PRO B 81 13.57 -30.28 -18.88
C PRO B 81 14.99 -29.82 -18.58
N LYS B 82 15.87 -30.79 -18.33
CA LYS B 82 17.27 -30.54 -18.00
C LYS B 82 18.00 -29.68 -19.03
N GLU B 83 17.72 -29.92 -20.31
CA GLU B 83 18.37 -29.14 -21.36
C GLU B 83 17.94 -27.68 -21.29
N THR B 84 16.68 -27.44 -20.95
CA THR B 84 16.22 -26.07 -20.83
C THR B 84 17.08 -25.42 -19.75
N GLN B 85 17.24 -26.13 -18.63
CA GLN B 85 18.04 -25.64 -17.52
C GLN B 85 19.47 -25.31 -17.93
N GLU B 86 20.02 -26.13 -18.81
CA GLU B 86 21.38 -25.93 -19.25
C GLU B 86 21.52 -24.68 -20.12
N MET B 87 20.56 -24.43 -21.00
CA MET B 87 20.60 -23.25 -21.85
C MET B 87 20.44 -22.00 -20.98
N LEU B 88 19.65 -22.12 -19.91
CA LEU B 88 19.44 -20.98 -19.02
C LEU B 88 20.71 -20.61 -18.24
N LEU B 89 21.42 -21.61 -17.74
CA LEU B 89 22.65 -21.35 -16.98
C LEU B 89 23.76 -20.87 -17.92
N LYS B 90 23.69 -21.28 -19.17
CA LYS B 90 24.68 -20.89 -20.17
C LYS B 90 24.42 -19.50 -20.81
N TYR B 91 23.20 -19.22 -21.24
CA TYR B 91 22.95 -17.92 -21.87
C TYR B 91 22.39 -16.88 -20.90
N ARG B 92 21.74 -17.35 -19.83
CA ARG B 92 21.24 -16.48 -18.77
C ARG B 92 20.32 -15.30 -19.06
N VAL B 93 19.90 -15.11 -20.30
CA VAL B 93 18.99 -14.03 -20.63
C VAL B 93 17.76 -14.64 -21.29
N VAL B 94 16.59 -14.39 -20.73
CA VAL B 94 15.38 -15.00 -21.28
C VAL B 94 14.14 -14.13 -21.26
N LEU B 95 13.38 -14.18 -22.35
CA LEU B 95 12.13 -13.46 -22.46
C LEU B 95 11.13 -14.60 -22.42
N LYS B 96 10.31 -14.68 -21.38
CA LYS B 96 9.35 -15.77 -21.31
C LYS B 96 7.90 -15.39 -21.11
N GLY B 97 7.04 -16.05 -21.88
CA GLY B 97 5.62 -15.81 -21.77
C GLY B 97 5.07 -16.28 -20.44
N PRO B 98 3.77 -16.07 -20.21
CA PRO B 98 3.14 -16.49 -18.95
C PRO B 98 3.10 -18.00 -18.80
N LEU B 99 3.38 -18.47 -17.59
CA LEU B 99 3.36 -19.90 -17.28
C LEU B 99 2.33 -20.16 -16.18
N GLU B 100 1.50 -21.19 -16.36
CA GLU B 100 0.50 -21.53 -15.33
C GLU B 100 1.03 -22.52 -14.32
N THR B 101 0.50 -22.43 -13.11
CA THR B 101 0.92 -23.33 -12.03
C THR B 101 -0.17 -23.57 -11.01
N PRO B 102 -0.33 -24.84 -10.57
CA PRO B 102 -1.35 -25.23 -9.58
C PRO B 102 -0.75 -25.52 -8.21
N SER B 109 7.12 -24.46 -9.59
CA SER B 109 6.90 -23.22 -10.35
C SER B 109 8.12 -22.87 -11.19
N VAL B 110 7.94 -22.88 -12.51
CA VAL B 110 9.03 -22.58 -13.41
C VAL B 110 9.63 -21.20 -13.11
N ASN B 111 8.77 -20.21 -12.88
CA ASN B 111 9.24 -18.87 -12.60
C ASN B 111 10.13 -18.85 -11.38
N VAL B 112 9.72 -19.54 -10.33
CA VAL B 112 10.52 -19.61 -9.11
C VAL B 112 11.86 -20.27 -9.38
N ALA B 113 11.84 -21.45 -9.99
CA ALA B 113 13.08 -22.16 -10.28
C ALA B 113 14.07 -21.31 -11.09
N ILE B 114 13.59 -20.67 -12.16
CA ILE B 114 14.44 -19.83 -12.99
C ILE B 114 15.08 -18.72 -12.17
N ARG B 115 14.26 -17.96 -11.45
CA ARG B 115 14.77 -16.88 -10.62
C ARG B 115 15.85 -17.38 -9.66
N LEU B 116 15.64 -18.57 -9.08
CA LEU B 116 16.61 -19.13 -8.15
C LEU B 116 17.89 -19.67 -8.78
N MET B 117 17.80 -20.37 -9.90
CA MET B 117 19.01 -20.92 -10.53
C MET B 117 19.89 -19.84 -11.17
N LEU B 118 19.30 -18.68 -11.48
CA LEU B 118 20.07 -17.57 -12.05
C LEU B 118 20.25 -16.49 -10.97
N ASP B 119 19.70 -16.76 -9.79
CA ASP B 119 19.77 -15.84 -8.64
C ASP B 119 19.39 -14.41 -9.01
N LEU B 120 18.24 -14.27 -9.63
CA LEU B 120 17.72 -12.96 -10.02
C LEU B 120 17.06 -12.40 -8.77
N TYR B 121 17.84 -11.67 -7.97
CA TYR B 121 17.37 -11.10 -6.72
C TYR B 121 16.58 -9.80 -6.85
N ALA B 122 16.74 -9.10 -7.97
CA ALA B 122 16.04 -7.83 -8.14
C ALA B 122 14.79 -7.88 -9.00
N ASN B 123 13.65 -7.54 -8.41
CA ASN B 123 12.40 -7.52 -9.15
C ASN B 123 12.24 -6.09 -9.69
N ILE B 124 12.26 -5.96 -11.02
CA ILE B 124 12.15 -4.64 -11.66
C ILE B 124 10.77 -4.40 -12.26
N ARG B 125 10.12 -3.31 -11.87
CA ARG B 125 8.78 -3.01 -12.37
C ARG B 125 8.64 -1.60 -12.92
N PRO B 126 8.77 -1.44 -14.24
CA PRO B 126 8.64 -0.08 -14.76
C PRO B 126 7.21 0.24 -15.17
N VAL B 127 6.72 1.37 -14.71
CA VAL B 127 5.36 1.77 -15.05
C VAL B 127 5.36 3.21 -15.49
N LYS B 128 4.99 3.40 -16.76
CA LYS B 128 4.95 4.71 -17.39
C LYS B 128 3.59 4.88 -18.04
N TYR B 129 3.06 6.09 -17.97
CA TYR B 129 1.76 6.38 -18.57
C TYR B 129 1.84 6.24 -20.08
N ILE B 130 0.80 5.69 -20.69
CA ILE B 130 0.76 5.55 -22.13
C ILE B 130 -0.32 6.49 -22.64
N GLU B 131 0.08 7.46 -23.46
CA GLU B 131 -0.86 8.41 -24.01
C GLU B 131 -1.99 7.67 -24.71
N GLY B 132 -3.23 8.02 -24.39
CA GLY B 132 -4.37 7.36 -24.99
C GLY B 132 -5.16 6.42 -24.09
N LEU B 133 -4.46 5.69 -23.23
CA LEU B 133 -5.12 4.76 -22.32
C LEU B 133 -5.90 5.43 -21.20
N GLU B 134 -7.06 4.89 -20.89
CA GLU B 134 -7.86 5.44 -19.82
C GLU B 134 -7.11 5.16 -18.52
N SER B 135 -7.39 5.96 -17.49
CA SER B 135 -6.73 5.78 -16.21
C SER B 135 -7.69 6.10 -15.07
N PRO B 136 -7.45 5.50 -13.90
CA PRO B 136 -8.34 5.80 -12.78
C PRO B 136 -7.96 7.18 -12.25
N LEU B 137 -6.78 7.65 -12.65
CA LEU B 137 -6.25 8.95 -12.25
C LEU B 137 -6.61 10.07 -13.24
N LYS B 138 -6.98 11.22 -12.68
CA LYS B 138 -7.35 12.38 -13.47
C LYS B 138 -6.15 12.91 -14.25
N HIS B 139 -4.97 12.88 -13.64
CA HIS B 139 -3.76 13.36 -14.30
C HIS B 139 -2.58 12.42 -14.12
N PRO B 140 -2.51 11.37 -14.94
CA PRO B 140 -1.42 10.38 -14.89
C PRO B 140 -0.33 10.66 -15.94
N GLU B 141 -0.53 11.70 -16.74
CA GLU B 141 0.43 12.05 -17.80
C GLU B 141 1.88 12.01 -17.37
N LYS B 142 2.15 12.25 -16.09
CA LYS B 142 3.53 12.28 -15.63
C LYS B 142 3.99 11.07 -14.85
N VAL B 143 3.26 9.97 -14.95
CA VAL B 143 3.67 8.76 -14.25
C VAL B 143 4.79 8.13 -15.07
N ASP B 144 6.00 8.20 -14.57
CA ASP B 144 7.16 7.63 -15.24
C ASP B 144 8.14 7.21 -14.15
N MET B 145 7.85 6.08 -13.52
CA MET B 145 8.70 5.56 -12.44
C MET B 145 9.09 4.13 -12.75
N ILE B 146 10.01 3.61 -11.96
CA ILE B 146 10.47 2.24 -12.11
C ILE B 146 10.85 1.69 -10.74
N ILE B 147 10.15 0.66 -10.30
CA ILE B 147 10.39 0.06 -8.98
C ILE B 147 11.49 -1.00 -8.95
N PHE B 148 12.44 -0.84 -8.02
CA PHE B 148 13.53 -1.81 -7.83
C PHE B 148 13.25 -2.54 -6.54
N ARG B 149 12.72 -3.77 -6.64
CA ARG B 149 12.35 -4.53 -5.45
C ARG B 149 13.32 -5.65 -5.08
N GLU B 150 13.94 -5.55 -3.91
CA GLU B 150 14.81 -6.63 -3.45
C GLU B 150 13.79 -7.76 -3.30
N ASN B 151 14.05 -8.89 -3.96
CA ASN B 151 13.11 -10.01 -3.99
C ASN B 151 13.57 -11.34 -3.36
N THR B 152 14.48 -11.29 -2.38
CA THR B 152 14.94 -12.54 -1.76
C THR B 152 14.99 -12.40 -0.26
N ASP B 153 14.72 -11.20 0.22
CA ASP B 153 14.79 -10.93 1.64
C ASP B 153 13.42 -10.78 2.30
N ASP B 154 13.41 -10.09 3.44
CA ASP B 154 12.19 -9.83 4.18
C ASP B 154 11.45 -11.10 4.59
N LEU B 155 10.20 -10.91 5.01
CA LEU B 155 9.36 -12.01 5.46
C LEU B 155 9.09 -13.04 4.38
N TYR B 156 9.51 -12.78 3.14
CA TYR B 156 9.30 -13.77 2.10
C TYR B 156 10.21 -14.98 2.30
N ARG B 157 11.11 -14.90 3.29
CA ARG B 157 12.00 -16.03 3.56
C ARG B 157 11.19 -17.20 4.07
N GLY B 158 10.03 -16.91 4.64
CA GLY B 158 9.15 -17.94 5.13
C GLY B 158 9.49 -18.51 6.49
N ILE B 159 10.06 -17.69 7.35
CA ILE B 159 10.41 -18.16 8.69
C ILE B 159 9.25 -17.80 9.58
N GLU B 160 8.29 -18.69 9.67
CA GLU B 160 7.12 -18.43 10.49
C GLU B 160 6.61 -19.75 11.02
N TYR B 161 5.78 -19.69 12.06
CA TYR B 161 5.23 -20.91 12.67
C TYR B 161 3.84 -20.68 13.24
N PRO B 162 2.98 -21.71 13.17
CA PRO B 162 1.63 -21.58 13.70
C PRO B 162 1.65 -21.39 15.22
N PHE B 163 0.61 -20.77 15.74
CA PHE B 163 0.49 -20.48 17.16
C PHE B 163 0.44 -21.70 18.08
N ASN B 164 -0.09 -22.79 17.55
CA ASN B 164 -0.25 -24.01 18.33
C ASN B 164 0.86 -25.03 18.07
N SER B 165 1.92 -24.58 17.40
CA SER B 165 3.04 -25.44 17.06
C SER B 165 4.06 -25.54 18.20
N GLU B 166 4.94 -26.54 18.13
CA GLU B 166 5.96 -26.70 19.15
C GLU B 166 7.09 -25.72 18.90
N GLU B 167 7.32 -25.36 17.64
CA GLU B 167 8.35 -24.40 17.31
C GLU B 167 8.01 -23.02 17.93
N ALA B 168 6.75 -22.62 17.78
CA ALA B 168 6.29 -21.35 18.33
C ALA B 168 6.56 -21.30 19.82
N LYS B 169 6.26 -22.40 20.51
CA LYS B 169 6.49 -22.48 21.95
C LYS B 169 7.96 -22.24 22.28
N LYS B 170 8.84 -22.99 21.63
CA LYS B 170 10.28 -22.81 21.87
C LYS B 170 10.69 -21.36 21.68
N ILE B 171 10.01 -20.66 20.78
CA ILE B 171 10.32 -19.26 20.52
C ILE B 171 9.83 -18.40 21.69
N ARG B 172 8.56 -18.54 22.03
CA ARG B 172 8.00 -17.79 23.15
C ARG B 172 8.89 -18.00 24.38
N ASP B 173 9.14 -19.26 24.72
CA ASP B 173 9.98 -19.62 25.86
C ASP B 173 11.33 -18.92 25.77
N PHE B 174 11.98 -19.02 24.61
CA PHE B 174 13.28 -18.40 24.39
C PHE B 174 13.23 -16.88 24.55
N LEU B 175 12.19 -16.24 24.01
CA LEU B 175 12.08 -14.79 24.11
C LEU B 175 11.86 -14.32 25.54
N ARG B 176 11.11 -15.09 26.32
CA ARG B 176 10.80 -14.74 27.71
C ARG B 176 12.01 -14.84 28.64
N LYS B 177 12.83 -15.85 28.45
CA LYS B 177 13.97 -16.03 29.33
C LYS B 177 15.17 -15.19 28.91
N GLU B 178 15.67 -15.44 27.71
CA GLU B 178 16.84 -14.74 27.21
C GLU B 178 16.69 -13.26 26.88
N LEU B 179 15.58 -12.87 26.28
CA LEU B 179 15.38 -11.47 25.93
C LEU B 179 14.42 -10.74 26.86
N LYS B 180 13.80 -11.47 27.77
CA LYS B 180 12.86 -10.86 28.72
C LYS B 180 11.73 -10.14 27.99
N VAL B 181 11.25 -10.74 26.91
CA VAL B 181 10.17 -10.16 26.13
C VAL B 181 8.87 -10.88 26.45
N GLU B 182 7.81 -10.12 26.71
CA GLU B 182 6.51 -10.70 27.04
C GLU B 182 5.72 -11.06 25.80
N ILE B 183 5.20 -12.29 25.75
CA ILE B 183 4.42 -12.72 24.60
C ILE B 183 3.40 -13.81 24.99
N GLU B 184 2.13 -13.58 24.63
CA GLU B 184 1.05 -14.52 24.93
C GLU B 184 1.16 -15.81 24.12
N ASP B 185 0.40 -16.82 24.54
CA ASP B 185 0.41 -18.12 23.88
C ASP B 185 -0.37 -18.22 22.58
N ASP B 186 -1.48 -17.48 22.47
CA ASP B 186 -2.32 -17.53 21.27
C ASP B 186 -1.73 -16.75 20.09
N THR B 187 -0.42 -16.82 19.91
CA THR B 187 0.23 -16.06 18.85
C THR B 187 0.94 -16.77 17.73
N GLY B 188 0.72 -16.25 16.52
CA GLY B 188 1.42 -16.78 15.36
C GLY B 188 2.76 -16.04 15.36
N ILE B 189 3.79 -16.64 14.80
CA ILE B 189 5.09 -15.98 14.85
C ILE B 189 5.89 -16.05 13.56
N GLY B 190 6.34 -14.88 13.10
CA GLY B 190 7.14 -14.83 11.88
C GLY B 190 8.43 -14.08 12.17
N ILE B 191 9.49 -14.39 11.42
CA ILE B 191 10.76 -13.74 11.63
C ILE B 191 11.05 -12.82 10.44
N LYS B 192 11.06 -11.52 10.68
CA LYS B 192 11.36 -10.57 9.62
C LYS B 192 12.88 -10.39 9.61
N VAL B 193 13.51 -10.73 8.49
CA VAL B 193 14.96 -10.61 8.36
C VAL B 193 15.33 -9.59 7.28
N MET B 194 16.34 -8.77 7.56
CA MET B 194 16.82 -7.79 6.59
C MET B 194 18.36 -7.88 6.55
N SER B 195 18.89 -8.29 5.40
CA SER B 195 20.34 -8.46 5.19
C SER B 195 21.07 -7.26 4.61
N LYS B 196 22.19 -6.91 5.23
CA LYS B 196 23.00 -5.80 4.75
C LYS B 196 23.47 -6.10 3.33
N TYR B 197 24.05 -7.28 3.14
CA TYR B 197 24.52 -7.64 1.81
C TYR B 197 23.39 -7.54 0.76
N LYS B 198 22.23 -8.10 1.07
CA LYS B 198 21.10 -8.07 0.16
C LYS B 198 20.66 -6.64 -0.17
N THR B 199 20.68 -5.77 0.83
CA THR B 199 20.29 -4.40 0.64
C THR B 199 21.33 -3.66 -0.22
N GLN B 200 22.60 -3.89 0.05
CA GLN B 200 23.67 -3.25 -0.72
C GLN B 200 23.64 -3.73 -2.18
N ARG B 201 23.19 -4.97 -2.39
CA ARG B 201 23.13 -5.52 -3.73
C ARG B 201 22.14 -4.78 -4.61
N ILE B 202 20.88 -4.79 -4.19
CA ILE B 202 19.83 -4.12 -4.95
C ILE B 202 20.18 -2.64 -5.14
N THR B 203 20.67 -2.01 -4.07
CA THR B 203 21.03 -0.60 -4.13
C THR B 203 22.08 -0.32 -5.20
N ARG B 204 23.13 -1.12 -5.25
CA ARG B 204 24.17 -0.90 -6.25
C ARG B 204 23.56 -1.03 -7.63
N LEU B 205 22.61 -1.96 -7.76
CA LEU B 205 21.95 -2.19 -9.05
C LEU B 205 21.05 -1.03 -9.43
N ALA B 206 20.38 -0.45 -8.43
CA ALA B 206 19.46 0.66 -8.65
C ALA B 206 20.17 1.92 -9.10
N ILE B 207 21.32 2.18 -8.48
CA ILE B 207 22.09 3.37 -8.83
C ILE B 207 22.78 3.19 -10.18
N GLN B 208 23.40 2.04 -10.39
CA GLN B 208 24.08 1.80 -11.65
C GLN B 208 23.09 1.99 -12.79
N TYR B 209 21.84 1.60 -12.55
CA TYR B 209 20.81 1.75 -13.57
C TYR B 209 20.49 3.21 -13.85
N ALA B 210 20.38 4.00 -12.79
CA ALA B 210 20.07 5.42 -12.93
C ALA B 210 21.17 6.11 -13.73
N ILE B 211 22.41 5.78 -13.43
CA ILE B 211 23.54 6.37 -14.13
C ILE B 211 23.44 6.10 -15.62
N GLU B 212 23.44 4.82 -15.99
CA GLU B 212 23.39 4.43 -17.40
C GLU B 212 22.17 4.84 -18.21
N HIS B 213 21.04 5.08 -17.55
CA HIS B 213 19.83 5.47 -18.28
C HIS B 213 19.36 6.89 -17.97
N LYS B 214 20.29 7.70 -17.46
CA LYS B 214 20.03 9.10 -17.15
C LYS B 214 18.84 9.38 -16.25
N ARG B 215 18.54 8.45 -15.35
CA ARG B 215 17.44 8.66 -14.42
C ARG B 215 17.91 9.67 -13.36
N LYS B 216 17.06 10.62 -13.00
CA LYS B 216 17.47 11.66 -12.05
C LYS B 216 17.23 11.47 -10.56
N LYS B 217 16.58 10.37 -10.16
CA LYS B 217 16.33 10.14 -8.73
C LYS B 217 16.07 8.70 -8.31
N VAL B 218 16.57 8.35 -7.12
CA VAL B 218 16.37 7.04 -6.51
C VAL B 218 15.81 7.33 -5.11
N THR B 219 14.61 6.81 -4.84
CA THR B 219 13.94 7.02 -3.55
C THR B 219 13.81 5.73 -2.77
N ILE B 220 14.36 5.72 -1.56
CA ILE B 220 14.34 4.54 -0.69
C ILE B 220 13.04 4.49 0.09
N MET B 221 12.20 3.49 -0.18
CA MET B 221 10.92 3.32 0.52
C MET B 221 11.14 2.44 1.74
N HIS B 222 10.67 2.91 2.91
CA HIS B 222 10.85 2.15 4.14
C HIS B 222 9.88 2.56 5.24
N LYS B 223 9.92 1.81 6.33
CA LYS B 223 9.09 2.07 7.49
C LYS B 223 10.07 1.99 8.65
N GLY B 224 11.12 2.80 8.57
CA GLY B 224 12.18 2.81 9.56
C GLY B 224 11.88 3.44 10.90
N ASN B 225 10.69 4.01 11.07
CA ASN B 225 10.35 4.63 12.34
C ASN B 225 9.72 3.63 13.31
N VAL B 226 9.11 2.57 12.79
CA VAL B 226 8.50 1.56 13.64
C VAL B 226 9.36 0.29 13.60
N MET B 227 9.92 0.01 12.43
CA MET B 227 10.79 -1.14 12.25
C MET B 227 12.20 -0.59 12.01
N LYS B 228 12.79 -0.08 13.09
CA LYS B 228 14.11 0.54 13.07
C LYS B 228 15.28 -0.32 12.59
N TYR B 229 15.33 -1.59 13.01
CA TYR B 229 16.47 -2.43 12.65
C TYR B 229 16.30 -3.34 11.45
N THR B 230 15.16 -3.24 10.78
CA THR B 230 14.94 -4.03 9.58
C THR B 230 14.85 -3.07 8.40
N GLU B 231 13.76 -2.31 8.32
CA GLU B 231 13.63 -1.36 7.23
C GLU B 231 14.41 -0.10 7.54
N GLY B 232 14.61 0.17 8.81
CA GLY B 232 15.39 1.33 9.18
C GLY B 232 16.80 1.07 8.68
N ALA B 233 17.30 -0.13 8.96
CA ALA B 233 18.64 -0.54 8.54
C ALA B 233 18.76 -0.56 7.03
N PHE B 234 17.65 -0.88 6.37
CA PHE B 234 17.64 -0.94 4.91
C PHE B 234 17.99 0.46 4.39
N ARG B 235 17.37 1.48 4.97
CA ARG B 235 17.62 2.85 4.56
C ARG B 235 19.09 3.20 4.78
N GLU B 236 19.58 2.96 5.99
CA GLU B 236 20.96 3.25 6.36
C GLU B 236 21.95 2.60 5.42
N TRP B 237 21.83 1.28 5.26
CA TRP B 237 22.72 0.54 4.39
C TRP B 237 22.65 1.03 2.94
N ALA B 238 21.49 1.55 2.53
CA ALA B 238 21.30 2.05 1.17
C ALA B 238 22.08 3.34 0.96
N TYR B 239 22.00 4.25 1.93
CA TYR B 239 22.71 5.52 1.86
C TYR B 239 24.20 5.22 1.95
N GLU B 240 24.53 4.38 2.92
CA GLU B 240 25.89 3.96 3.19
C GLU B 240 26.64 3.58 1.92
N VAL B 241 26.15 2.55 1.22
CA VAL B 241 26.80 2.09 0.00
C VAL B 241 26.71 3.10 -1.14
N ALA B 242 25.71 3.96 -1.12
CA ALA B 242 25.55 4.96 -2.17
C ALA B 242 26.61 6.05 -2.07
N LEU B 243 26.86 6.52 -0.84
CA LEU B 243 27.84 7.57 -0.61
C LEU B 243 29.29 7.07 -0.64
N LYS B 244 29.48 5.77 -0.44
CA LYS B 244 30.82 5.21 -0.42
C LYS B 244 31.29 4.66 -1.78
N GLU B 245 30.36 4.20 -2.60
CA GLU B 245 30.73 3.63 -3.90
C GLU B 245 30.25 4.44 -5.11
N TYR B 246 29.38 5.41 -4.87
CA TYR B 246 28.85 6.24 -5.94
C TYR B 246 28.87 7.71 -5.56
N ARG B 247 29.81 8.06 -4.69
CA ARG B 247 29.99 9.41 -4.18
C ARG B 247 29.93 10.52 -5.23
N ASP B 248 30.68 10.35 -6.31
CA ASP B 248 30.73 11.35 -7.38
C ASP B 248 29.47 11.42 -8.24
N PHE B 249 28.59 10.42 -8.11
CA PHE B 249 27.37 10.38 -8.93
C PHE B 249 26.07 10.77 -8.25
N ILE B 250 25.99 10.58 -6.93
CA ILE B 250 24.75 10.91 -6.22
C ILE B 250 24.84 12.16 -5.36
N VAL B 251 23.75 12.46 -4.68
CA VAL B 251 23.64 13.63 -3.82
C VAL B 251 22.34 13.51 -3.03
N THR B 252 22.45 13.23 -1.73
CA THR B 252 21.28 13.06 -0.87
C THR B 252 20.38 14.28 -0.91
N GLU B 253 19.16 14.11 -0.41
CA GLU B 253 18.19 15.19 -0.35
C GLU B 253 18.52 16.10 0.83
N GLU B 254 19.18 15.54 1.84
CA GLU B 254 19.56 16.31 3.02
C GLU B 254 20.76 17.20 2.72
N GLU B 255 21.33 17.04 1.54
CA GLU B 255 22.47 17.83 1.12
C GLU B 255 21.99 18.93 0.19
N ILE B 256 21.03 18.59 -0.66
CA ILE B 256 20.46 19.55 -1.59
C ILE B 256 19.92 20.73 -0.81
N ASN B 257 19.07 20.45 0.18
CA ASN B 257 18.50 21.50 1.01
C ASN B 257 19.51 21.83 2.12
N GLN B 258 20.79 21.75 1.77
CA GLN B 258 21.85 22.02 2.71
C GLN B 258 22.92 22.89 2.04
N GLY B 259 22.66 23.30 0.80
CA GLY B 259 23.60 24.13 0.08
C GLY B 259 24.29 23.46 -1.09
N LYS B 260 24.73 22.21 -0.88
CA LYS B 260 25.41 21.46 -1.93
C LYS B 260 24.67 21.46 -3.27
N PRO B 261 25.42 21.41 -4.38
CA PRO B 261 24.86 21.39 -5.74
C PRO B 261 24.50 19.99 -6.22
N ASP B 262 23.38 19.88 -6.92
CA ASP B 262 22.93 18.60 -7.45
C ASP B 262 22.79 18.69 -8.95
N GLN B 263 23.02 19.88 -9.50
CA GLN B 263 22.92 20.08 -10.93
C GLN B 263 23.94 19.21 -11.66
N GLY B 264 23.51 18.04 -12.11
CA GLY B 264 24.40 17.14 -12.81
C GLY B 264 24.70 15.85 -12.06
N LYS B 265 23.80 15.46 -11.17
CA LYS B 265 23.99 14.24 -10.39
C LYS B 265 22.67 13.57 -10.05
N ILE B 266 22.75 12.34 -9.55
CA ILE B 266 21.55 11.60 -9.20
C ILE B 266 21.14 11.85 -7.75
N ILE B 267 19.89 12.26 -7.56
CA ILE B 267 19.35 12.52 -6.23
C ILE B 267 18.96 11.23 -5.49
N LEU B 268 19.28 11.17 -4.21
CA LEU B 268 18.98 10.02 -3.38
C LEU B 268 18.29 10.44 -2.09
N ASN B 269 17.01 10.15 -1.97
CA ASN B 269 16.27 10.50 -0.77
C ASN B 269 15.51 9.29 -0.24
N ASP B 270 14.73 9.48 0.82
CA ASP B 270 13.97 8.37 1.40
C ASP B 270 12.60 8.86 1.87
N ARG B 271 11.61 7.98 1.77
CA ARG B 271 10.25 8.31 2.17
C ARG B 271 9.67 7.22 3.04
N ILE B 272 8.84 7.61 4.01
CA ILE B 272 8.18 6.68 4.90
C ILE B 272 7.11 5.94 4.10
N ALA B 273 6.97 4.65 4.35
CA ALA B 273 5.98 3.83 3.65
C ALA B 273 4.62 4.53 3.53
N ASP B 274 4.10 5.01 4.66
CA ASP B 274 2.81 5.72 4.69
C ASP B 274 2.71 6.79 3.60
N ASN B 275 3.69 7.69 3.62
CA ASN B 275 3.74 8.79 2.66
C ASN B 275 3.65 8.33 1.20
N MET B 276 4.42 7.31 0.84
CA MET B 276 4.39 6.83 -0.54
C MET B 276 3.05 6.27 -0.97
N PHE B 277 2.36 5.55 -0.09
CA PHE B 277 1.07 4.98 -0.44
C PHE B 277 0.08 6.11 -0.68
N GLN B 278 0.41 7.29 -0.17
CA GLN B 278 -0.45 8.45 -0.32
C GLN B 278 -0.01 9.25 -1.55
N GLN B 279 1.29 9.56 -1.62
CA GLN B 279 1.81 10.33 -2.75
C GLN B 279 1.71 9.64 -4.10
N ILE B 280 1.83 8.31 -4.16
CA ILE B 280 1.74 7.61 -5.44
C ILE B 280 0.39 7.85 -6.08
N ILE B 281 -0.61 8.15 -5.27
CA ILE B 281 -1.96 8.41 -5.76
C ILE B 281 -2.19 9.89 -6.02
N ILE B 282 -1.72 10.72 -5.09
CA ILE B 282 -1.87 12.16 -5.18
C ILE B 282 -0.88 12.89 -6.10
N ARG B 283 0.36 12.44 -6.15
CA ARG B 283 1.34 13.09 -7.01
C ARG B 283 2.47 12.14 -7.46
N PRO B 284 2.10 11.01 -8.07
CA PRO B 284 3.03 9.99 -8.55
C PRO B 284 4.24 10.49 -9.35
N GLU B 285 4.11 11.66 -9.98
CA GLU B 285 5.20 12.23 -10.76
C GLU B 285 6.44 12.54 -9.92
N GLU B 286 6.29 12.43 -8.61
CA GLU B 286 7.40 12.70 -7.70
C GLU B 286 8.45 11.59 -7.74
N TYR B 287 8.02 10.39 -8.14
CA TYR B 287 8.93 9.26 -8.19
C TYR B 287 9.58 8.99 -9.53
N ASP B 288 10.85 8.62 -9.45
CA ASP B 288 11.66 8.28 -10.60
C ASP B 288 11.94 6.78 -10.39
N ILE B 289 12.99 6.48 -9.64
CA ILE B 289 13.34 5.10 -9.34
C ILE B 289 12.98 4.86 -7.88
N ILE B 290 12.24 3.78 -7.62
CA ILE B 290 11.86 3.45 -6.26
C ILE B 290 12.66 2.23 -5.79
N LEU B 291 13.39 2.40 -4.69
CA LEU B 291 14.20 1.33 -4.12
C LEU B 291 13.48 0.86 -2.86
N ALA B 292 13.04 -0.40 -2.86
CA ALA B 292 12.31 -0.91 -1.70
C ALA B 292 12.61 -2.35 -1.30
N PRO B 293 12.44 -2.68 -0.01
CA PRO B 293 12.71 -4.06 0.40
C PRO B 293 11.58 -4.92 -0.16
N ASN B 294 11.62 -6.23 0.11
CA ASN B 294 10.65 -7.18 -0.43
C ASN B 294 9.15 -6.93 -0.30
N VAL B 295 8.66 -6.74 0.92
CA VAL B 295 7.23 -6.55 1.12
C VAL B 295 6.69 -5.20 0.64
N ASN B 296 7.41 -4.12 0.96
CA ASN B 296 6.98 -2.78 0.55
C ASN B 296 6.96 -2.64 -0.97
N GLY B 297 8.01 -3.11 -1.63
CA GLY B 297 8.09 -3.01 -3.07
C GLY B 297 6.98 -3.78 -3.75
N ASP B 298 6.57 -4.88 -3.12
CA ASP B 298 5.49 -5.69 -3.65
C ASP B 298 4.23 -4.83 -3.65
N TYR B 299 3.90 -4.23 -2.51
CA TYR B 299 2.71 -3.39 -2.40
C TYR B 299 2.78 -2.14 -3.28
N ILE B 300 3.92 -1.45 -3.24
CA ILE B 300 4.10 -0.24 -4.00
C ILE B 300 3.89 -0.53 -5.48
N SER B 301 4.38 -1.70 -5.90
CA SER B 301 4.24 -2.13 -7.28
C SER B 301 2.79 -2.38 -7.64
N ASP B 302 2.04 -3.01 -6.75
CA ASP B 302 0.64 -3.26 -7.04
C ASP B 302 -0.10 -1.94 -7.22
N ALA B 303 0.16 -1.00 -6.32
CA ALA B 303 -0.50 0.30 -6.39
C ALA B 303 -0.03 1.07 -7.60
N ALA B 304 1.28 1.18 -7.76
CA ALA B 304 1.84 1.88 -8.91
C ALA B 304 1.21 1.31 -10.16
N GLY B 305 1.27 0.00 -10.29
CA GLY B 305 0.72 -0.66 -11.45
C GLY B 305 -0.71 -0.28 -11.76
N ALA B 306 -1.49 0.03 -10.72
CA ALA B 306 -2.89 0.39 -10.88
C ALA B 306 -3.12 1.81 -11.42
N LEU B 307 -2.12 2.66 -11.29
CA LEU B 307 -2.22 4.04 -11.76
C LEU B 307 -2.61 4.11 -13.23
N ILE B 308 -2.20 3.12 -14.01
CA ILE B 308 -2.52 3.11 -15.43
C ILE B 308 -3.47 1.96 -15.78
N GLY B 309 -4.36 2.22 -16.73
CA GLY B 309 -5.34 1.22 -17.12
C GLY B 309 -4.77 -0.03 -17.74
N ASN B 310 -5.44 -1.15 -17.50
CA ASN B 310 -5.03 -2.44 -18.04
C ASN B 310 -3.64 -2.85 -17.57
N ILE B 311 -3.59 -3.59 -16.47
CA ILE B 311 -2.32 -4.06 -15.92
C ILE B 311 -1.65 -5.00 -16.92
N GLY B 312 -2.44 -5.49 -17.88
CA GLY B 312 -1.91 -6.39 -18.89
C GLY B 312 -0.98 -5.78 -19.92
N MET B 313 -0.75 -4.47 -19.85
CA MET B 313 0.13 -3.83 -20.80
C MET B 313 1.47 -3.47 -20.19
N LEU B 314 1.73 -3.97 -18.99
CA LEU B 314 2.97 -3.70 -18.30
C LEU B 314 3.94 -4.86 -18.39
N GLY B 315 5.22 -4.52 -18.40
CA GLY B 315 6.26 -5.53 -18.46
C GLY B 315 7.12 -5.41 -17.22
N GLY B 316 7.92 -6.44 -16.95
CA GLY B 316 8.78 -6.42 -15.78
C GLY B 316 9.93 -7.40 -15.92
N ALA B 317 10.74 -7.55 -14.88
CA ALA B 317 11.86 -8.48 -15.00
C ALA B 317 12.46 -8.86 -13.65
N ASN B 318 13.28 -9.89 -13.69
CA ASN B 318 14.02 -10.32 -12.51
C ASN B 318 15.48 -10.32 -12.96
N ILE B 319 16.27 -9.43 -12.38
CA ILE B 319 17.68 -9.30 -12.72
C ILE B 319 18.60 -9.85 -11.64
N GLY B 320 19.68 -10.49 -12.07
CA GLY B 320 20.66 -11.03 -11.14
C GLY B 320 21.96 -10.37 -11.53
N ASP B 321 23.07 -10.75 -10.90
CA ASP B 321 24.34 -10.14 -11.27
C ASP B 321 24.88 -10.67 -12.59
N GLU B 322 24.30 -11.75 -13.12
CA GLU B 322 24.76 -12.31 -14.39
C GLU B 322 23.59 -12.89 -15.19
N GLY B 323 22.53 -12.13 -15.36
CA GLY B 323 21.38 -12.62 -16.11
C GLY B 323 20.06 -11.93 -15.80
N GLY B 324 19.05 -12.21 -16.63
CA GLY B 324 17.75 -11.61 -16.41
C GLY B 324 16.62 -12.36 -17.10
N MET B 325 15.44 -12.26 -16.52
CA MET B 325 14.24 -12.91 -17.04
C MET B 325 13.21 -11.80 -17.26
N PHE B 326 12.72 -11.67 -18.48
CA PHE B 326 11.76 -10.62 -18.79
C PHE B 326 10.42 -11.21 -19.14
N GLU B 327 9.38 -10.75 -18.45
CA GLU B 327 8.03 -11.25 -18.65
C GLU B 327 6.97 -10.17 -18.51
N ALA B 328 5.81 -10.39 -19.11
CA ALA B 328 4.71 -9.45 -19.01
C ALA B 328 4.07 -9.60 -17.64
N ILE B 329 3.38 -8.55 -17.19
CA ILE B 329 2.72 -8.57 -15.90
C ILE B 329 1.28 -9.08 -16.03
N HIS B 330 1.12 -10.33 -16.45
CA HIS B 330 -0.20 -10.93 -16.56
C HIS B 330 -0.05 -12.45 -16.59
N GLY B 331 -1.18 -13.14 -16.62
CA GLY B 331 -1.15 -14.59 -16.66
C GLY B 331 -1.35 -15.17 -18.04
N THR B 332 -1.75 -16.43 -18.09
CA THR B 332 -1.96 -17.12 -19.34
C THR B 332 -3.26 -16.74 -20.07
N ALA B 333 -4.28 -16.36 -19.32
CA ALA B 333 -5.57 -16.01 -19.91
C ALA B 333 -6.01 -17.11 -20.86
N PRO B 334 -6.15 -18.35 -20.36
CA PRO B 334 -6.57 -19.48 -21.20
C PRO B 334 -7.86 -19.21 -21.97
N LYS B 335 -8.58 -18.19 -21.56
CA LYS B 335 -9.83 -17.80 -22.23
C LYS B 335 -9.59 -17.47 -23.69
N TYR B 336 -8.44 -16.87 -23.99
CA TYR B 336 -8.12 -16.47 -25.35
C TYR B 336 -7.03 -17.25 -26.04
N ALA B 337 -6.55 -18.31 -25.43
CA ALA B 337 -5.48 -19.10 -26.03
C ALA B 337 -5.81 -19.47 -27.48
N GLY B 338 -4.90 -19.11 -28.38
CA GLY B 338 -5.09 -19.44 -29.78
C GLY B 338 -6.21 -18.73 -30.52
N LYS B 339 -6.66 -17.58 -30.02
CA LYS B 339 -7.74 -16.86 -30.66
C LYS B 339 -7.30 -15.57 -31.32
N ASN B 340 -6.00 -15.27 -31.25
CA ASN B 340 -5.45 -14.05 -31.83
C ASN B 340 -6.20 -12.83 -31.31
N VAL B 341 -6.53 -12.84 -30.03
CA VAL B 341 -7.26 -11.73 -29.43
C VAL B 341 -6.49 -11.01 -28.33
N ALA B 342 -5.67 -11.75 -27.60
CA ALA B 342 -4.90 -11.19 -26.49
C ALA B 342 -4.02 -9.99 -26.88
N ASN B 343 -3.72 -9.16 -25.89
CA ASN B 343 -2.89 -7.97 -26.05
C ASN B 343 -1.42 -8.30 -25.77
N PRO B 344 -0.54 -8.17 -26.79
CA PRO B 344 0.89 -8.47 -26.65
C PRO B 344 1.74 -7.33 -26.06
N THR B 345 1.11 -6.20 -25.77
CA THR B 345 1.85 -5.06 -25.24
C THR B 345 2.66 -5.42 -24.00
N GLY B 346 2.10 -6.24 -23.12
CA GLY B 346 2.82 -6.63 -21.92
C GLY B 346 4.15 -7.32 -22.20
N ILE B 347 4.12 -8.36 -23.02
CA ILE B 347 5.35 -9.08 -23.33
C ILE B 347 6.28 -8.20 -24.18
N ILE B 348 5.70 -7.30 -24.97
CA ILE B 348 6.50 -6.41 -25.80
C ILE B 348 7.23 -5.40 -24.90
N LYS B 349 6.55 -4.93 -23.85
CA LYS B 349 7.15 -4.01 -22.90
C LYS B 349 8.27 -4.67 -22.09
N ALA B 350 8.21 -6.00 -21.96
CA ALA B 350 9.26 -6.74 -21.26
C ALA B 350 10.41 -6.72 -22.25
N GLY B 351 10.05 -6.69 -23.53
CA GLY B 351 11.04 -6.64 -24.59
C GLY B 351 11.70 -5.27 -24.54
N GLU B 352 10.87 -4.25 -24.36
CA GLU B 352 11.39 -2.89 -24.28
C GLU B 352 12.38 -2.85 -23.11
N LEU B 353 11.98 -3.40 -21.98
CA LEU B 353 12.84 -3.40 -20.79
C LEU B 353 14.14 -4.15 -21.04
N MET B 354 14.05 -5.36 -21.58
CA MET B 354 15.25 -6.16 -21.87
C MET B 354 16.22 -5.35 -22.76
N LEU B 355 15.66 -4.72 -23.80
CA LEU B 355 16.45 -3.91 -24.71
C LEU B 355 17.21 -2.81 -23.94
N ARG B 356 16.54 -2.20 -22.96
CA ARG B 356 17.19 -1.15 -22.18
C ARG B 356 18.30 -1.73 -21.33
N TRP B 357 18.06 -2.88 -20.72
CA TRP B 357 19.08 -3.50 -19.88
C TRP B 357 20.32 -3.81 -20.72
N MET B 358 20.09 -4.21 -21.97
CA MET B 358 21.15 -4.55 -22.89
C MET B 358 21.91 -3.29 -23.33
N GLY B 359 21.38 -2.12 -22.99
CA GLY B 359 22.03 -0.90 -23.41
C GLY B 359 21.60 -0.53 -24.82
N TRP B 360 20.63 -1.25 -25.37
CA TRP B 360 20.15 -0.96 -26.72
C TRP B 360 18.92 -0.05 -26.64
N ASN B 361 19.13 1.14 -26.09
CA ASN B 361 18.05 2.09 -25.91
C ASN B 361 17.38 2.62 -27.17
N GLU B 362 18.14 2.78 -28.25
CA GLU B 362 17.56 3.30 -29.48
C GLU B 362 16.39 2.42 -29.92
N ALA B 363 16.55 1.11 -29.73
CA ALA B 363 15.52 0.16 -30.15
C ALA B 363 14.36 0.11 -29.16
N ALA B 364 14.66 0.33 -27.89
CA ALA B 364 13.66 0.31 -26.84
C ALA B 364 12.77 1.54 -26.94
N ASP B 365 13.36 2.66 -27.37
CA ASP B 365 12.62 3.92 -27.55
C ASP B 365 11.71 3.83 -28.78
N LEU B 366 12.12 3.03 -29.76
CA LEU B 366 11.32 2.85 -30.97
C LEU B 366 10.03 2.15 -30.61
N ILE B 367 10.16 1.07 -29.85
CA ILE B 367 9.02 0.28 -29.40
C ILE B 367 8.09 1.16 -28.57
N GLU B 368 8.66 1.81 -27.57
CA GLU B 368 7.89 2.70 -26.70
C GLU B 368 7.13 3.73 -27.53
N LYS B 369 7.79 4.26 -28.56
CA LYS B 369 7.18 5.28 -29.41
C LYS B 369 6.06 4.76 -30.30
N ALA B 370 6.24 3.58 -30.87
CA ALA B 370 5.25 2.99 -31.75
C ALA B 370 3.98 2.63 -30.99
N ILE B 371 4.14 2.13 -29.78
CA ILE B 371 2.99 1.77 -28.96
C ILE B 371 2.21 3.03 -28.64
N ASN B 372 2.90 4.05 -28.13
CA ASN B 372 2.22 5.31 -27.82
C ASN B 372 1.40 5.75 -29.03
N MET B 373 2.04 5.80 -30.19
CA MET B 373 1.39 6.21 -31.43
C MET B 373 0.22 5.33 -31.86
N ALA B 374 0.36 4.03 -31.70
CA ALA B 374 -0.69 3.10 -32.08
C ALA B 374 -1.95 3.24 -31.19
N ILE B 375 -1.73 3.42 -29.89
CA ILE B 375 -2.84 3.54 -28.96
C ILE B 375 -3.58 4.87 -29.10
N ARG B 376 -2.84 5.94 -29.38
CA ARG B 376 -3.43 7.26 -29.55
C ARG B 376 -4.17 7.27 -30.87
N ASP B 377 -3.75 6.38 -31.77
CA ASP B 377 -4.32 6.25 -33.10
C ASP B 377 -5.43 5.19 -33.13
N LYS B 378 -5.95 4.85 -31.95
CA LYS B 378 -7.02 3.85 -31.83
C LYS B 378 -6.76 2.51 -32.52
N LYS B 379 -5.50 2.08 -32.58
CA LYS B 379 -5.15 0.80 -33.19
C LYS B 379 -4.78 -0.08 -32.00
N VAL B 380 -5.79 -0.64 -31.36
CA VAL B 380 -5.60 -1.46 -30.18
C VAL B 380 -6.35 -2.78 -30.22
N THR B 381 -6.08 -3.64 -29.24
CA THR B 381 -6.72 -4.94 -29.14
C THR B 381 -8.03 -4.81 -28.36
N GLN B 382 -8.82 -5.88 -28.32
CA GLN B 382 -10.11 -5.86 -27.62
C GLN B 382 -10.08 -5.33 -26.19
N ASP B 383 -9.11 -5.79 -25.39
CA ASP B 383 -9.01 -5.36 -24.00
C ASP B 383 -9.05 -3.83 -23.88
N ILE B 384 -8.68 -3.11 -24.93
CA ILE B 384 -8.74 -1.65 -24.91
C ILE B 384 -9.90 -1.16 -25.77
N ALA B 385 -10.01 -1.69 -26.99
CA ALA B 385 -11.07 -1.30 -27.90
C ALA B 385 -12.46 -1.27 -27.25
N ARG B 386 -12.77 -2.30 -26.47
CA ARG B 386 -14.07 -2.41 -25.80
C ARG B 386 -14.43 -1.19 -24.96
N PHE B 387 -13.54 -0.19 -24.92
CA PHE B 387 -13.81 1.01 -24.14
C PHE B 387 -13.75 2.31 -24.95
N MET B 388 -13.13 2.26 -26.12
CA MET B 388 -13.02 3.46 -26.95
C MET B 388 -13.89 3.39 -28.18
N GLY B 389 -14.87 2.47 -28.16
CA GLY B 389 -15.78 2.31 -29.27
C GLY B 389 -15.13 2.23 -30.64
N VAL B 390 -14.31 1.21 -30.85
CA VAL B 390 -13.64 1.01 -32.15
C VAL B 390 -13.43 -0.48 -32.39
N LYS B 391 -13.17 -0.83 -33.65
CA LYS B 391 -12.94 -2.23 -34.03
C LYS B 391 -11.54 -2.69 -33.58
N ALA B 392 -11.51 -3.55 -32.58
CA ALA B 392 -10.25 -4.07 -32.05
C ALA B 392 -9.44 -4.77 -33.13
N LEU B 393 -8.12 -4.66 -33.02
CA LEU B 393 -7.23 -5.34 -33.96
C LEU B 393 -6.83 -6.66 -33.28
N GLY B 394 -6.45 -7.65 -34.06
CA GLY B 394 -6.05 -8.92 -33.48
C GLY B 394 -4.64 -8.81 -32.92
N THR B 395 -4.16 -9.88 -32.31
CA THR B 395 -2.81 -9.89 -31.74
C THR B 395 -1.79 -9.72 -32.86
N LYS B 396 -1.89 -10.55 -33.89
CA LYS B 396 -0.97 -10.48 -35.02
C LYS B 396 -1.07 -9.17 -35.79
N GLU B 397 -2.29 -8.70 -36.01
CA GLU B 397 -2.51 -7.46 -36.74
C GLU B 397 -1.98 -6.25 -35.97
N TYR B 398 -2.13 -6.28 -34.65
CA TYR B 398 -1.65 -5.19 -33.80
C TYR B 398 -0.12 -5.08 -33.87
N ALA B 399 0.57 -6.21 -33.67
CA ALA B 399 2.02 -6.22 -33.72
C ALA B 399 2.50 -5.63 -35.03
N ASP B 400 1.90 -6.10 -36.12
CA ASP B 400 2.24 -5.62 -37.45
C ASP B 400 2.04 -4.13 -37.59
N GLU B 401 0.98 -3.61 -36.97
CA GLU B 401 0.72 -2.18 -37.03
C GLU B 401 1.86 -1.46 -36.32
N LEU B 402 2.39 -2.08 -35.27
CA LEU B 402 3.50 -1.47 -34.51
C LEU B 402 4.74 -1.51 -35.40
N ILE B 403 4.87 -2.60 -36.15
CA ILE B 403 5.99 -2.78 -37.07
C ILE B 403 6.01 -1.73 -38.17
N LYS B 404 4.90 -1.54 -38.88
CA LYS B 404 4.89 -0.55 -39.94
C LYS B 404 5.04 0.87 -39.38
N ILE B 405 4.59 1.09 -38.15
CA ILE B 405 4.73 2.40 -37.53
C ILE B 405 6.20 2.70 -37.30
N MET B 406 6.92 1.74 -36.75
CA MET B 406 8.35 1.90 -36.48
C MET B 406 9.09 2.15 -37.79
N ASP B 407 8.51 1.72 -38.89
CA ASP B 407 9.11 1.88 -40.20
C ASP B 407 9.21 3.35 -40.60
N THR B 408 8.41 4.20 -39.98
CA THR B 408 8.43 5.62 -40.34
C THR B 408 8.50 6.60 -39.16
N ILE B 409 9.32 6.30 -38.16
CA ILE B 409 9.47 7.20 -37.01
C ILE B 409 10.89 7.21 -36.46
PA NAP C . 0.46 18.66 9.22
O1A NAP C . 1.65 18.44 8.36
O2A NAP C . -0.53 17.41 9.24
O5B NAP C . -0.15 20.14 9.40
C5B NAP C . 0.58 21.17 8.71
C4B NAP C . 0.36 21.25 7.17
O4B NAP C . -0.72 20.39 6.65
C3B NAP C . 0.04 22.73 6.71
O3B NAP C . 1.10 23.41 6.07
C2B NAP C . -1.29 22.64 5.84
O2B NAP C . -0.96 22.71 4.39
C1B NAP C . -1.83 21.23 6.14
N9A NAP C . -3.04 21.26 7.11
C8A NAP C . -3.21 20.44 8.23
N7A NAP C . -4.36 20.72 8.81
C5A NAP C . -4.98 21.69 8.13
C6A NAP C . -6.21 22.37 8.30
N6A NAP C . -7.05 22.02 9.35
N1A NAP C . -6.58 23.35 7.42
C2A NAP C . -5.76 23.69 6.37
N3A NAP C . -4.57 23.05 6.19
C4A NAP C . -4.15 22.06 7.03
O3 NAP C . 1.16 18.48 10.75
PN NAP C . 2.78 18.90 10.93
O1N NAP C . 3.23 20.11 10.06
O2N NAP C . 3.82 17.78 11.28
O5D NAP C . 2.64 19.68 12.43
C5D NAP C . 3.64 19.36 13.45
C4D NAP C . 3.05 18.43 14.55
O4D NAP C . 1.73 17.90 14.17
C3D NAP C . 3.95 17.21 14.75
O3D NAP C . 4.86 17.43 15.85
C2D NAP C . 2.97 16.04 15.00
O2D NAP C . 3.18 15.39 16.27
C1D NAP C . 1.54 16.66 14.91
N1N NAP C . 0.41 15.75 14.52
C2N NAP C . -0.52 15.44 15.48
C3N NAP C . -1.63 14.57 15.17
C7N NAP C . -2.65 14.23 16.24
O7N NAP C . -2.54 14.69 17.38
N7N NAP C . -3.69 13.41 15.97
C4N NAP C . -1.74 14.03 13.84
C5N NAP C . -0.75 14.36 12.86
C6N NAP C . 0.33 15.23 13.22
P2B NAP C . -1.08 24.19 3.72
O1X NAP C . 0.08 25.01 4.13
O2X NAP C . -1.11 24.06 2.11
O3X NAP C . -2.43 24.91 4.20
PA NAP D . -4.77 -13.78 -16.19
O1A NAP D . -3.76 -12.71 -16.15
O2A NAP D . -4.20 -15.16 -16.77
O5B NAP D . -6.32 -13.40 -16.45
C5B NAP D . -6.63 -12.17 -15.77
C4B NAP D . -7.63 -11.24 -16.50
O4B NAP D . -7.02 -10.03 -17.09
C3B NAP D . -8.49 -11.94 -17.65
O3B NAP D . -9.82 -12.26 -17.28
C2B NAP D . -8.38 -10.95 -18.90
O2B NAP D . -9.59 -10.06 -18.97
C1B NAP D . -7.22 -10.04 -18.55
N9A NAP D . -5.97 -10.39 -19.36
C8A NAP D . -4.88 -11.16 -18.98
N7A NAP D . -4.02 -11.22 -19.96
C5A NAP D . -4.50 -10.51 -21.00
C6A NAP D . -4.00 -10.23 -22.31
N6A NAP D . -2.78 -10.73 -22.73
N1A NAP D . -4.76 -9.46 -23.16
C2A NAP D . -5.97 -8.96 -22.76
N3A NAP D . -6.45 -9.22 -21.51
C4A NAP D . -5.74 -9.99 -20.63
O3 NAP D . -4.83 -14.13 -14.52
PN NAP D . -5.73 -15.42 -14.03
O1N NAP D . -7.14 -15.51 -14.70
O2N NAP D . -5.55 -15.95 -12.58
O5D NAP D . -4.95 -16.63 -14.91
C5D NAP D . -4.78 -17.93 -14.27
C4D NAP D . -3.29 -18.37 -14.33
O4D NAP D . -2.40 -17.24 -14.61
C3D NAP D . -2.84 -18.96 -12.97
O3D NAP D . -2.87 -20.41 -13.00
C2D NAP D . -1.42 -18.40 -12.75
O2D NAP D . -0.43 -19.45 -12.60
C1D NAP D . -1.10 -17.49 -13.99
N1N NAP D . -0.20 -16.30 -13.76
C2N NAP D . 1.07 -16.33 -14.27
C3N NAP D . 1.97 -15.23 -14.07
C7N NAP D . 3.37 -15.27 -14.63
O7N NAP D . 3.77 -16.25 -15.25
N7N NAP D . 4.21 -14.22 -14.44
C4N NAP D . 1.50 -14.07 -13.33
C5N NAP D . 0.16 -14.04 -12.82
C6N NAP D . -0.68 -15.18 -13.04
P2B NAP D . -10.97 -10.68 -19.58
O1X NAP D . -11.98 -10.72 -18.51
O2X NAP D . -11.51 -9.77 -20.79
O3X NAP D . -10.71 -12.17 -20.13
#